data_3B3B
#
_entry.id   3B3B
#
_cell.length_a   120.640
_cell.length_b   120.640
_cell.length_c   170.640
_cell.angle_alpha   90.000
_cell.angle_beta   90.000
_cell.angle_gamma   120.000
#
_symmetry.space_group_name_H-M   'P 31 2 1'
#
loop_
_entity.id
_entity.type
_entity.pdbx_description
1 polymer 'Aminopeptidase N'
2 non-polymer 'ZINC ION'
3 non-polymer 'SODIUM ION'
4 non-polymer TRYPTOPHAN
5 non-polymer 'MALONATE ION'
6 non-polymer GLYCEROL
7 water water
#
_entity_poly.entity_id   1
_entity_poly.type   'polypeptide(L)'
_entity_poly.pdbx_seq_one_letter_code
;MGSSHHHHHHSSGENLYFQGHMTQQPQAKYRHDYRAPDYQITDIDLTFDLDAQKTVVTAVSQAVRHGASDAPLRLNGEDL
KLVSVHINDEPWTAWKEEEGALVISNLPERFTLKIINEISPAANTALEGLYQSGDALCTQCEAEGFRHITYYLDRPDVLA
RFTTKIIADKIKYPFLLSNGNRVAQGELENGRHWVQWQDPFPKPCYLFALVAGDFDVLRDTFTTRSGREVALELYVDRGN
LDRAPWAMTSLKNSMKWDEERFGLEYDLDIYMIVAVDFFNMGAMENKGLNIFNSKYVLARTDTATDKDYLDIERVIGHEY
FHNWTGNRVTCRDWFQLSLKEGLTVFRDQEFSSDLGSRAVNRINNVRTMRGLQFAEDASPMAHPIRPDMVIEMNNFYTLT
VYEKGAEVIRMIHTLLGEENFQKGMQLYFERHDGSAATCDDFVQAMEDASNVDLSHFRRWYSQSGTPIVTVKDDYNPETE
QYTLTISQRTPATPDQAEKQPLHIPFAIELYDNEGKVIPLQKGGHPVNSVLNVTQAEQTFVFDNVYFQPVPALLCEFSAP
VKLEYKWSDQQLTFLMRHARNDFSRWDAAQSLLATYIKLNVARHQQGQPLSLPVHVADAFRAVLLDEKIDPALAAEILTL
PSVNEMAELFDIIDPIAIAEVREALTRTLATELADELLAIYNANYQSEYRVEHEDIAKRTLRNACLRFLAFGETHLADVL
VSKQFHEANNMTDALAALSAAVAAQLPCRDALMQEYDDKWHQNGLVMDKWFILQATSPAANVLETVRGLLQHRSFTMSNP
NRIRSLIGAFAGSNPAAFHAEDGSGYLFLVEMLTDLNSRNPQVASRLIEPLIRLKRYDAKRQEKMRAALEQLKGLENLSG
DLYEKITKALA
;
_entity_poly.pdbx_strand_id   A
#
loop_
_chem_comp.id
_chem_comp.type
_chem_comp.name
_chem_comp.formula
GOL non-polymer GLYCEROL 'C3 H8 O3'
MLI non-polymer 'MALONATE ION' 'C3 H2 O4 -2'
NA non-polymer 'SODIUM ION' 'Na 1'
ZN non-polymer 'ZINC ION' 'Zn 2'
#
# COMPACT_ATOMS: atom_id res chain seq x y z
N PRO A 26 -1.07 27.55 -2.93
CA PRO A 26 -1.45 26.39 -3.74
C PRO A 26 -2.97 26.28 -3.85
N GLN A 27 -3.48 25.99 -5.03
CA GLN A 27 -4.91 26.07 -5.28
C GLN A 27 -5.52 24.67 -5.37
N ALA A 28 -6.68 24.47 -4.75
CA ALA A 28 -7.35 23.17 -4.81
C ALA A 28 -7.99 22.97 -6.18
N LYS A 29 -7.99 21.72 -6.63
CA LYS A 29 -8.69 21.34 -7.83
C LYS A 29 -9.86 20.44 -7.45
N TYR A 30 -10.94 20.51 -8.22
CA TYR A 30 -12.21 19.86 -7.86
C TYR A 30 -12.67 18.91 -8.93
N ARG A 31 -13.14 17.73 -8.49
CA ARG A 31 -13.60 16.71 -9.40
C ARG A 31 -14.75 17.22 -10.30
N HIS A 32 -15.67 17.99 -9.71
CA HIS A 32 -16.80 18.53 -10.47
C HIS A 32 -16.39 19.53 -11.55
N ASP A 33 -15.15 19.99 -11.54
CA ASP A 33 -14.66 20.90 -12.59
C ASP A 33 -14.11 20.22 -13.84
N TYR A 34 -14.12 18.88 -13.87
CA TYR A 34 -13.62 18.16 -15.04
C TYR A 34 -14.25 18.66 -16.35
N ARG A 35 -13.40 18.96 -17.33
CA ARG A 35 -13.86 19.30 -18.69
C ARG A 35 -12.94 18.62 -19.72
N ALA A 36 -13.52 18.06 -20.77
CA ALA A 36 -12.73 17.52 -21.89
C ALA A 36 -11.70 18.57 -22.36
N PRO A 37 -10.51 18.11 -22.79
CA PRO A 37 -9.45 19.04 -23.18
C PRO A 37 -9.80 19.79 -24.48
N ASP A 38 -9.41 21.06 -24.55
CA ASP A 38 -9.56 21.87 -25.77
C ASP A 38 -8.74 21.33 -26.94
N TYR A 39 -7.61 20.69 -26.64
CA TYR A 39 -6.74 20.10 -27.65
C TYR A 39 -6.39 18.69 -27.26
N GLN A 40 -6.31 17.83 -28.27
CA GLN A 40 -5.70 16.51 -28.11
C GLN A 40 -4.31 16.45 -28.76
N ILE A 41 -3.43 15.62 -28.19
CA ILE A 41 -2.20 15.23 -28.89
C ILE A 41 -2.30 13.76 -29.25
N THR A 42 -2.04 13.43 -30.52
CA THR A 42 -2.24 12.05 -31.01
C THR A 42 -0.96 11.22 -31.06
N ASP A 43 0.16 11.93 -31.25
CA ASP A 43 1.45 11.32 -31.52
C ASP A 43 2.51 12.27 -31.00
N ILE A 44 3.50 11.73 -30.30
CA ILE A 44 4.63 12.54 -29.87
C ILE A 44 5.93 11.81 -30.15
N ASP A 45 6.87 12.54 -30.75
CA ASP A 45 8.20 12.03 -31.00
CA ASP A 45 8.20 12.05 -31.04
C ASP A 45 9.18 12.80 -30.13
N LEU A 46 9.78 12.08 -29.19
CA LEU A 46 10.73 12.67 -28.26
C LEU A 46 12.16 12.36 -28.63
N THR A 47 13.03 13.36 -28.45
CA THR A 47 14.48 13.13 -28.49
C THR A 47 15.10 13.65 -27.19
N PHE A 48 15.90 12.80 -26.53
CA PHE A 48 16.66 13.23 -25.37
C PHE A 48 18.12 13.22 -25.70
N ASP A 49 18.77 14.37 -25.59
CA ASP A 49 20.22 14.42 -25.64
C ASP A 49 20.64 14.39 -24.18
N LEU A 50 20.96 13.20 -23.69
CA LEU A 50 21.06 12.96 -22.25
C LEU A 50 22.39 13.39 -21.67
N ASP A 51 22.32 14.04 -20.52
CA ASP A 51 23.49 14.35 -19.71
C ASP A 51 22.99 14.68 -18.32
N ALA A 52 23.71 14.23 -17.29
CA ALA A 52 23.23 14.44 -15.91
C ALA A 52 23.08 15.92 -15.54
N GLN A 53 23.99 16.76 -16.03
CA GLN A 53 23.94 18.21 -15.75
C GLN A 53 22.95 18.97 -16.61
N LYS A 54 22.89 18.64 -17.90
CA LYS A 54 22.01 19.35 -18.82
C LYS A 54 21.53 18.41 -19.92
N THR A 55 20.26 18.06 -19.84
CA THR A 55 19.62 17.22 -20.83
C THR A 55 18.78 18.10 -21.73
N VAL A 56 18.92 17.94 -23.04
CA VAL A 56 18.11 18.69 -23.99
C VAL A 56 16.99 17.78 -24.52
N VAL A 57 15.75 18.25 -24.35
CA VAL A 57 14.57 17.51 -24.79
C VAL A 57 13.99 18.19 -26.01
N THR A 58 13.81 17.42 -27.09
CA THR A 58 13.08 17.90 -28.27
C THR A 58 11.79 17.09 -28.37
N ALA A 59 10.65 17.77 -28.40
CA ALA A 59 9.37 17.10 -28.41
C ALA A 59 8.51 17.58 -29.59
N VAL A 60 8.19 16.66 -30.50
CA VAL A 60 7.41 16.99 -31.68
C VAL A 60 6.06 16.28 -31.55
N SER A 61 5.01 17.06 -31.31
CA SER A 61 3.66 16.54 -31.06
C SER A 61 2.70 16.90 -32.20
N GLN A 62 1.87 15.93 -32.59
CA GLN A 62 0.79 16.20 -33.54
C GLN A 62 -0.46 16.51 -32.75
N ALA A 63 -0.95 17.73 -32.88
CA ALA A 63 -2.08 18.21 -32.08
C ALA A 63 -3.32 18.46 -32.93
N VAL A 64 -4.47 18.34 -32.29
CA VAL A 64 -5.79 18.54 -32.92
C VAL A 64 -6.65 19.34 -31.94
N ARG A 65 -7.22 20.43 -32.43
CA ARG A 65 -8.15 21.23 -31.61
C ARG A 65 -9.53 20.63 -31.58
N HIS A 66 -10.07 20.48 -30.38
CA HIS A 66 -11.43 19.99 -30.18
C HIS A 66 -12.34 21.11 -29.70
N GLY A 67 -11.75 22.07 -28.98
CA GLY A 67 -12.49 23.15 -28.37
C GLY A 67 -12.76 24.31 -29.32
N ALA A 68 -13.08 25.46 -28.74
CA ALA A 68 -13.39 26.67 -29.50
C ALA A 68 -12.19 27.12 -30.31
N SER A 69 -12.48 27.56 -31.53
CA SER A 69 -11.44 28.02 -32.44
C SER A 69 -10.53 29.08 -31.84
N ASP A 70 -10.99 29.83 -30.83
CA ASP A 70 -10.16 30.85 -30.18
C ASP A 70 -9.51 30.39 -28.87
N ALA A 71 -9.63 29.10 -28.55
CA ALA A 71 -9.05 28.59 -27.30
C ALA A 71 -7.55 28.44 -27.46
N PRO A 72 -6.77 28.90 -26.47
CA PRO A 72 -5.33 28.71 -26.62
C PRO A 72 -4.97 27.31 -26.13
N LEU A 73 -3.80 26.84 -26.54
CA LEU A 73 -3.28 25.58 -26.06
C LEU A 73 -2.50 25.86 -24.78
N ARG A 74 -2.89 25.22 -23.68
CA ARG A 74 -2.24 25.45 -22.39
C ARG A 74 -1.45 24.23 -21.98
N LEU A 75 -0.13 24.33 -22.03
CA LEU A 75 0.74 23.19 -21.75
C LEU A 75 1.26 23.31 -20.34
N ASN A 76 1.24 22.21 -19.59
CA ASN A 76 1.86 22.18 -18.27
C ASN A 76 3.37 22.07 -18.36
N GLY A 77 4.08 22.81 -17.51
CA GLY A 77 5.53 22.67 -17.45
C GLY A 77 6.03 23.17 -16.11
N GLU A 78 7.01 22.47 -15.54
CA GLU A 78 7.59 22.84 -14.26
C GLU A 78 9.11 22.73 -14.32
N ASP A 79 9.79 23.81 -13.94
CA ASP A 79 11.26 23.83 -13.90
C ASP A 79 11.89 23.44 -15.24
N LEU A 80 11.40 24.04 -16.33
CA LEU A 80 11.92 23.79 -17.67
C LEU A 80 12.60 25.05 -18.16
N LYS A 81 13.70 24.92 -18.89
CA LYS A 81 14.30 26.06 -19.57
C LYS A 81 13.90 26.00 -21.02
N LEU A 82 12.95 26.84 -21.43
CA LEU A 82 12.43 26.83 -22.80
C LEU A 82 13.49 27.33 -23.77
N VAL A 83 13.72 26.58 -24.84
CA VAL A 83 14.70 26.96 -25.86
C VAL A 83 13.99 27.51 -27.11
N SER A 84 12.95 26.81 -27.57
CA SER A 84 12.23 27.27 -28.76
C SER A 84 10.87 26.64 -28.87
N VAL A 85 9.99 27.34 -29.58
CA VAL A 85 8.63 26.88 -29.86
C VAL A 85 8.38 27.06 -31.34
N HIS A 86 8.04 25.97 -32.04
CA HIS A 86 7.69 26.05 -33.46
C HIS A 86 6.32 25.42 -33.71
N ILE A 87 5.58 25.98 -34.65
CA ILE A 87 4.30 25.40 -35.07
C ILE A 87 4.41 25.18 -36.56
N ASN A 88 4.29 23.92 -36.99
CA ASN A 88 4.58 23.53 -38.37
C ASN A 88 5.91 24.10 -38.85
N ASP A 89 6.92 24.01 -37.99
CA ASP A 89 8.28 24.49 -38.25
C ASP A 89 8.43 26.01 -38.35
N GLU A 90 7.36 26.74 -38.10
CA GLU A 90 7.44 28.21 -38.00
C GLU A 90 7.74 28.63 -36.55
N PRO A 91 8.85 29.38 -36.32
CA PRO A 91 9.10 29.92 -34.97
C PRO A 91 7.88 30.73 -34.52
N TRP A 92 7.31 30.38 -33.36
CA TRP A 92 6.02 30.96 -32.95
C TRP A 92 6.21 32.17 -32.05
N THR A 93 5.46 33.24 -32.33
CA THR A 93 5.55 34.47 -31.54
C THR A 93 4.36 34.65 -30.62
N ALA A 94 3.27 33.92 -30.89
CA ALA A 94 2.03 34.05 -30.12
C ALA A 94 1.98 33.07 -28.95
N TRP A 95 2.83 33.33 -27.95
CA TRP A 95 2.87 32.50 -26.74
C TRP A 95 3.32 33.32 -25.53
N LYS A 96 3.02 32.81 -24.35
CA LYS A 96 3.60 33.36 -23.14
C LYS A 96 3.78 32.25 -22.14
N GLU A 97 4.81 32.37 -21.31
CA GLU A 97 4.97 31.49 -20.18
C GLU A 97 4.33 32.14 -18.98
N GLU A 98 3.61 31.35 -18.19
CA GLU A 98 3.23 31.79 -16.87
C GLU A 98 3.44 30.68 -15.87
N GLU A 99 3.01 30.91 -14.62
CA GLU A 99 3.27 29.96 -13.54
C GLU A 99 2.77 28.57 -13.93
N GLY A 100 3.71 27.64 -14.08
CA GLY A 100 3.40 26.25 -14.38
C GLY A 100 2.90 25.96 -15.79
N ALA A 101 3.03 26.93 -16.71
CA ALA A 101 2.40 26.75 -18.02
C ALA A 101 3.08 27.49 -19.18
N LEU A 102 2.87 26.95 -20.38
CA LEU A 102 3.19 27.63 -21.62
C LEU A 102 1.87 27.74 -22.36
N VAL A 103 1.45 28.97 -22.66
CA VAL A 103 0.14 29.21 -23.26
C VAL A 103 0.36 29.68 -24.69
N ILE A 104 -0.15 28.90 -25.64
CA ILE A 104 0.12 29.15 -27.08
C ILE A 104 -1.20 29.53 -27.74
N SER A 105 -1.20 30.70 -28.39
CA SER A 105 -2.40 31.30 -28.97
C SER A 105 -2.43 31.19 -30.49
N ASN A 106 -3.64 31.35 -31.06
CA ASN A 106 -3.83 31.59 -32.50
C ASN A 106 -3.42 30.42 -33.39
N LEU A 107 -3.85 29.22 -33.00
CA LEU A 107 -3.38 28.01 -33.64
C LEU A 107 -4.36 27.50 -34.70
N PRO A 108 -3.85 26.78 -35.72
CA PRO A 108 -4.80 26.13 -36.62
C PRO A 108 -5.49 24.93 -35.95
N GLU A 109 -6.42 24.31 -36.67
CA GLU A 109 -7.16 23.18 -36.10
C GLU A 109 -6.28 21.94 -35.90
N ARG A 110 -5.33 21.72 -36.80
CA ARG A 110 -4.36 20.61 -36.70
C ARG A 110 -2.98 21.16 -37.00
N PHE A 111 -1.98 20.73 -36.24
CA PHE A 111 -0.62 21.27 -36.41
C PHE A 111 0.40 20.42 -35.70
N THR A 112 1.66 20.62 -36.10
CA THR A 112 2.80 20.00 -35.46
C THR A 112 3.43 21.03 -34.51
N LEU A 113 3.42 20.69 -33.22
CA LEU A 113 4.08 21.48 -32.20
C LEU A 113 5.47 20.94 -31.97
N LYS A 114 6.49 21.82 -32.04
CA LYS A 114 7.84 21.42 -31.63
C LYS A 114 8.35 22.28 -30.49
N ILE A 115 8.68 21.62 -29.38
CA ILE A 115 9.23 22.30 -28.21
C ILE A 115 10.63 21.78 -27.99
N ILE A 116 11.60 22.68 -27.77
CA ILE A 116 12.90 22.28 -27.27
C ILE A 116 13.09 22.93 -25.91
N ASN A 117 13.53 22.16 -24.93
CA ASN A 117 13.76 22.68 -23.59
C ASN A 117 14.87 21.92 -22.88
N GLU A 118 15.43 22.53 -21.84
CA GLU A 118 16.50 21.88 -21.09
C GLU A 118 16.02 21.57 -19.69
N ILE A 119 16.56 20.48 -19.13
CA ILE A 119 16.31 20.10 -17.74
C ILE A 119 17.64 19.61 -17.14
N SER A 120 17.68 19.43 -15.81
CA SER A 120 18.93 19.06 -15.14
C SER A 120 18.68 17.90 -14.18
N PRO A 121 18.84 16.67 -14.67
CA PRO A 121 18.59 15.49 -13.83
C PRO A 121 19.35 15.50 -12.51
N ALA A 122 20.61 15.97 -12.53
CA ALA A 122 21.47 16.00 -11.34
C ALA A 122 20.93 16.90 -10.23
N ALA A 123 20.19 17.94 -10.60
CA ALA A 123 19.58 18.84 -9.61
C ALA A 123 18.24 18.34 -9.05
N ASN A 124 17.76 17.21 -9.55
CA ASN A 124 16.42 16.75 -9.21
C ASN A 124 16.44 15.88 -7.93
N THR A 125 16.32 16.50 -6.77
CA THR A 125 16.33 15.74 -5.52
C THR A 125 14.94 15.24 -5.15
N ALA A 126 13.91 15.76 -5.82
CA ALA A 126 12.52 15.36 -5.53
C ALA A 126 12.19 13.98 -6.12
N LEU A 127 12.99 13.54 -7.09
CA LEU A 127 12.84 12.22 -7.73
C LEU A 127 11.48 12.10 -8.46
N GLU A 128 11.10 13.19 -9.11
CA GLU A 128 9.92 13.24 -9.99
CA GLU A 128 9.92 13.24 -9.99
C GLU A 128 10.36 13.88 -11.30
N GLY A 129 10.00 13.26 -12.43
CA GLY A 129 10.52 13.69 -13.73
C GLY A 129 11.74 12.83 -14.09
N LEU A 130 12.74 13.43 -14.74
CA LEU A 130 13.98 12.75 -15.06
C LEU A 130 15.04 13.05 -13.99
N TYR A 131 15.54 12.00 -13.35
CA TYR A 131 16.48 12.18 -12.26
C TYR A 131 17.60 11.15 -12.26
N GLN A 132 18.51 11.29 -11.31
CA GLN A 132 19.65 10.40 -11.17
C GLN A 132 19.45 9.43 -10.02
N SER A 133 19.65 8.13 -10.28
CA SER A 133 19.64 7.10 -9.24
C SER A 133 20.99 6.41 -9.26
N GLY A 134 21.89 6.83 -8.35
CA GLY A 134 23.30 6.38 -8.42
C GLY A 134 23.93 6.92 -9.70
N ASP A 135 24.44 6.03 -10.55
CA ASP A 135 25.01 6.42 -11.83
C ASP A 135 23.99 6.36 -12.96
N ALA A 136 22.81 5.81 -12.69
CA ALA A 136 21.75 5.70 -13.69
C ALA A 136 20.90 6.96 -13.80
N LEU A 137 20.31 7.18 -14.98
CA LEU A 137 19.28 8.19 -15.15
C LEU A 137 17.96 7.43 -15.34
N CYS A 138 16.91 7.91 -14.68
CA CYS A 138 15.61 7.24 -14.79
C CYS A 138 14.47 8.22 -14.57
N THR A 139 13.27 7.81 -14.93
CA THR A 139 12.13 8.72 -14.83
C THR A 139 11.10 8.20 -13.82
N GLN A 140 10.37 9.16 -13.25
CA GLN A 140 9.10 8.86 -12.61
C GLN A 140 8.09 9.94 -13.03
N CYS A 141 7.06 9.54 -13.77
CA CYS A 141 6.10 10.49 -14.36
C CYS A 141 4.71 10.49 -13.70
N GLU A 142 4.32 9.42 -13.03
CA GLU A 142 3.04 9.49 -12.28
C GLU A 142 3.22 10.31 -11.00
N ALA A 143 2.26 11.16 -10.59
CA ALA A 143 1.06 11.55 -11.35
C ALA A 143 1.35 12.61 -12.43
N GLU A 144 2.06 13.67 -12.04
CA GLU A 144 2.26 14.83 -12.93
C GLU A 144 3.75 15.16 -13.06
N GLY A 145 4.53 14.11 -13.31
CA GLY A 145 5.98 14.26 -13.42
C GLY A 145 6.44 14.57 -14.84
N PHE A 146 5.65 14.21 -15.85
CA PHE A 146 6.10 14.41 -17.23
C PHE A 146 6.27 15.91 -17.54
N ARG A 147 5.45 16.75 -16.91
CA ARG A 147 5.57 18.21 -17.09
C ARG A 147 6.90 18.77 -16.55
N HIS A 148 7.63 17.95 -15.77
CA HIS A 148 9.02 18.30 -15.34
C HIS A 148 10.08 17.92 -16.38
N ILE A 149 9.64 17.31 -17.47
CA ILE A 149 10.50 16.86 -18.56
C ILE A 149 10.31 17.75 -19.81
N THR A 150 9.06 18.02 -20.18
CA THR A 150 8.76 18.95 -21.27
C THR A 150 7.37 19.60 -21.09
N TYR A 151 7.08 20.62 -21.90
CA TYR A 151 5.77 21.27 -21.86
C TYR A 151 4.75 20.36 -22.55
N TYR A 152 3.72 19.93 -21.82
CA TYR A 152 2.82 18.92 -22.40
C TYR A 152 1.42 19.03 -21.81
N LEU A 153 0.48 18.30 -22.43
CA LEU A 153 -0.86 18.10 -21.89
C LEU A 153 -0.78 16.97 -20.87
N ASP A 154 -0.31 17.33 -19.69
CA ASP A 154 0.05 16.37 -18.65
C ASP A 154 -1.21 16.04 -17.85
N ARG A 155 -2.10 15.30 -18.49
CA ARG A 155 -3.41 14.92 -17.94
C ARG A 155 -3.77 13.58 -18.63
N PRO A 156 -4.29 12.61 -17.83
CA PRO A 156 -4.35 11.24 -18.31
C PRO A 156 -5.42 10.91 -19.35
N ASP A 157 -6.30 11.87 -19.65
CA ASP A 157 -7.28 11.69 -20.73
C ASP A 157 -6.74 12.13 -22.10
N VAL A 158 -5.47 12.54 -22.13
CA VAL A 158 -4.76 12.78 -23.38
C VAL A 158 -3.82 11.58 -23.65
N LEU A 159 -4.17 10.76 -24.63
CA LEU A 159 -3.42 9.57 -24.98
C LEU A 159 -2.78 9.72 -26.35
N ALA A 160 -1.50 9.42 -26.42
CA ALA A 160 -0.72 9.67 -27.64
C ALA A 160 0.18 8.48 -27.90
N ARG A 161 0.51 8.26 -29.17
CA ARG A 161 1.49 7.23 -29.53
C ARG A 161 2.89 7.82 -29.43
N PHE A 162 3.75 7.23 -28.59
CA PHE A 162 5.11 7.76 -28.36
C PHE A 162 6.18 7.06 -29.18
N THR A 163 7.13 7.85 -29.66
CA THR A 163 8.43 7.31 -30.09
CA THR A 163 8.41 7.35 -30.16
C THR A 163 9.49 8.09 -29.36
N THR A 164 10.54 7.38 -28.93
CA THR A 164 11.54 7.98 -28.07
C THR A 164 12.94 7.68 -28.56
N LYS A 165 13.65 8.75 -28.92
CA LYS A 165 15.06 8.65 -29.32
C LYS A 165 15.94 9.14 -28.17
N ILE A 166 16.92 8.34 -27.81
CA ILE A 166 17.78 8.64 -26.69
C ILE A 166 19.19 8.69 -27.20
N ILE A 167 19.87 9.81 -26.92
CA ILE A 167 21.28 9.99 -27.30
C ILE A 167 22.12 10.18 -26.05
N ALA A 168 23.19 9.39 -25.90
CA ALA A 168 23.99 9.47 -24.68
C ALA A 168 25.43 8.99 -24.86
N ASP A 169 26.27 9.32 -23.90
CA ASP A 169 27.60 8.74 -23.80
C ASP A 169 27.54 7.21 -23.70
N LYS A 170 28.21 6.54 -24.63
CA LYS A 170 28.18 5.06 -24.66
C LYS A 170 28.79 4.37 -23.43
N ILE A 171 29.90 4.91 -22.91
CA ILE A 171 30.58 4.28 -21.78
C ILE A 171 29.75 4.42 -20.49
N LYS A 172 29.20 5.61 -20.28
CA LYS A 172 28.40 5.88 -19.08
C LYS A 172 27.01 5.21 -19.17
N TYR A 173 26.43 5.24 -20.38
CA TYR A 173 25.05 4.78 -20.58
C TYR A 173 24.94 3.78 -21.73
N PRO A 174 25.54 2.59 -21.56
CA PRO A 174 25.47 1.59 -22.63
C PRO A 174 24.05 1.06 -22.88
N PHE A 175 23.19 1.07 -21.85
CA PHE A 175 21.77 0.71 -22.04
C PHE A 175 20.86 1.94 -22.04
N LEU A 176 20.08 2.08 -23.11
CA LEU A 176 19.17 3.22 -23.29
C LEU A 176 17.79 2.64 -23.58
N LEU A 177 16.90 2.78 -22.61
CA LEU A 177 15.62 2.10 -22.63
C LEU A 177 14.45 3.08 -22.60
N SER A 178 13.40 2.78 -23.34
CA SER A 178 12.11 3.46 -23.18
C SER A 178 11.00 2.45 -23.49
N ASN A 179 9.74 2.90 -23.46
CA ASN A 179 8.60 2.00 -23.66
C ASN A 179 8.61 1.40 -25.03
N GLY A 180 8.20 0.13 -25.11
CA GLY A 180 7.92 -0.52 -26.38
C GLY A 180 9.08 -1.31 -26.95
N ASN A 181 9.27 -1.17 -28.26
CA ASN A 181 10.27 -1.94 -29.01
C ASN A 181 11.35 -1.05 -29.60
N ARG A 182 12.57 -1.58 -29.69
CA ARG A 182 13.69 -0.87 -30.32
C ARG A 182 13.49 -0.88 -31.82
N VAL A 183 13.44 0.29 -32.44
CA VAL A 183 13.19 0.40 -33.89
C VAL A 183 14.36 0.99 -34.69
N ALA A 184 15.31 1.59 -33.98
CA ALA A 184 16.47 2.21 -34.61
C ALA A 184 17.59 2.34 -33.59
N GLN A 185 18.83 2.33 -34.10
CA GLN A 185 20.01 2.52 -33.28
C GLN A 185 21.16 3.00 -34.16
N GLY A 186 22.04 3.81 -33.57
CA GLY A 186 23.18 4.29 -34.32
C GLY A 186 24.30 4.71 -33.41
N GLU A 187 25.46 4.90 -34.02
CA GLU A 187 26.60 5.40 -33.29
C GLU A 187 26.95 6.78 -33.81
N LEU A 188 27.48 7.60 -32.91
CA LEU A 188 27.84 8.96 -33.26
C LEU A 188 29.31 9.20 -32.94
N GLU A 189 29.80 10.37 -33.33
CA GLU A 189 31.17 10.76 -32.97
C GLU A 189 31.25 11.13 -31.49
N ASN A 190 32.48 11.22 -30.99
CA ASN A 190 32.73 11.65 -29.61
C ASN A 190 32.17 10.68 -28.57
N GLY A 191 32.14 9.39 -28.91
CA GLY A 191 31.78 8.33 -27.97
C GLY A 191 30.31 8.27 -27.57
N ARG A 192 29.45 8.85 -28.41
CA ARG A 192 28.00 8.81 -28.16
C ARG A 192 27.31 7.77 -29.03
N HIS A 193 26.15 7.31 -28.58
CA HIS A 193 25.33 6.39 -29.36
C HIS A 193 23.85 6.73 -29.13
N TRP A 194 22.97 6.13 -29.91
CA TRP A 194 21.56 6.42 -29.76
C TRP A 194 20.69 5.20 -30.05
N VAL A 195 19.51 5.19 -29.46
CA VAL A 195 18.53 4.13 -29.68
C VAL A 195 17.18 4.81 -29.80
N GLN A 196 16.32 4.29 -30.67
CA GLN A 196 14.96 4.80 -30.74
C GLN A 196 13.98 3.67 -30.43
N TRP A 197 12.95 4.01 -29.67
CA TRP A 197 11.92 3.09 -29.20
C TRP A 197 10.57 3.54 -29.75
N GLN A 198 9.69 2.60 -30.03
CA GLN A 198 8.35 2.93 -30.40
C GLN A 198 7.39 2.05 -29.60
N ASP A 199 6.35 2.66 -29.05
CA ASP A 199 5.33 1.91 -28.31
C ASP A 199 4.02 2.12 -29.06
N PRO A 200 3.44 1.05 -29.64
CA PRO A 200 2.26 1.19 -30.50
C PRO A 200 0.99 1.62 -29.77
N PHE A 201 0.95 1.42 -28.45
CA PHE A 201 -0.27 1.70 -27.69
C PHE A 201 -0.33 3.16 -27.25
N PRO A 202 -1.40 3.89 -27.66
CA PRO A 202 -1.58 5.25 -27.17
C PRO A 202 -1.60 5.26 -25.66
N LYS A 203 -0.90 6.23 -25.07
CA LYS A 203 -0.83 6.29 -23.62
C LYS A 203 -0.85 7.71 -23.08
N PRO A 204 -1.35 7.87 -21.84
CA PRO A 204 -1.15 9.14 -21.16
C PRO A 204 0.32 9.24 -20.80
N CYS A 205 0.82 10.47 -20.64
CA CYS A 205 2.23 10.66 -20.44
C CYS A 205 2.74 10.14 -19.07
N TYR A 206 1.85 9.93 -18.10
CA TYR A 206 2.31 9.39 -16.80
C TYR A 206 2.89 7.99 -16.95
N LEU A 207 2.64 7.35 -18.09
CA LEU A 207 3.14 5.99 -18.34
C LEU A 207 4.43 5.98 -19.18
N PHE A 208 4.91 7.17 -19.50
CA PHE A 208 6.18 7.31 -20.19
C PHE A 208 7.33 6.91 -19.26
N ALA A 209 8.32 6.18 -19.80
CA ALA A 209 9.55 5.93 -19.03
C ALA A 209 10.80 6.00 -19.89
N LEU A 210 11.90 6.40 -19.25
CA LEU A 210 13.23 6.37 -19.85
C LEU A 210 14.21 5.92 -18.79
N VAL A 211 15.11 5.02 -19.17
CA VAL A 211 16.20 4.61 -18.26
C VAL A 211 17.50 4.64 -19.07
N ALA A 212 18.57 5.15 -18.47
CA ALA A 212 19.89 5.09 -19.10
C ALA A 212 20.91 4.67 -18.05
N GLY A 213 21.76 3.71 -18.37
CA GLY A 213 22.80 3.34 -17.42
C GLY A 213 23.50 2.08 -17.81
N ASP A 214 24.27 1.55 -16.87
CA ASP A 214 25.00 0.30 -17.08
C ASP A 214 24.47 -0.71 -16.08
N PHE A 215 23.99 -1.85 -16.57
CA PHE A 215 23.31 -2.81 -15.73
C PHE A 215 23.78 -4.23 -16.06
N ASP A 216 23.63 -5.13 -15.09
CA ASP A 216 23.53 -6.56 -15.38
C ASP A 216 22.08 -6.84 -15.77
N VAL A 217 21.87 -7.78 -16.68
CA VAL A 217 20.53 -8.05 -17.18
C VAL A 217 20.22 -9.53 -17.08
N LEU A 218 19.15 -9.86 -16.38
CA LEU A 218 18.64 -11.23 -16.35
C LEU A 218 17.58 -11.35 -17.44
N ARG A 219 17.79 -12.29 -18.36
CA ARG A 219 16.91 -12.46 -19.52
C ARG A 219 16.22 -13.80 -19.49
N ASP A 220 14.93 -13.81 -19.79
CA ASP A 220 14.18 -15.05 -19.76
C ASP A 220 13.03 -14.85 -20.77
N THR A 221 12.13 -15.82 -20.82
N THR A 221 12.11 -15.81 -20.78
CA THR A 221 11.04 -15.77 -21.78
CA THR A 221 11.04 -15.86 -21.77
C THR A 221 9.77 -16.31 -21.13
C THR A 221 9.76 -16.33 -21.11
N PHE A 222 8.62 -15.76 -21.52
CA PHE A 222 7.31 -16.29 -21.17
C PHE A 222 6.51 -16.43 -22.46
N THR A 223 5.90 -17.59 -22.65
CA THR A 223 5.03 -17.81 -23.81
C THR A 223 3.60 -17.77 -23.35
N THR A 224 2.82 -16.86 -23.92
CA THR A 224 1.43 -16.69 -23.50
C THR A 224 0.57 -17.88 -23.92
N ARG A 225 -0.61 -18.00 -23.36
N ARG A 225 -0.63 -17.92 -23.38
CA ARG A 225 -1.40 -19.17 -23.70
CA ARG A 225 -1.58 -19.01 -23.63
C ARG A 225 -1.64 -19.26 -25.22
C ARG A 225 -1.89 -19.21 -25.12
N SER A 226 -1.87 -18.12 -25.88
CA SER A 226 -2.13 -18.14 -27.33
C SER A 226 -0.84 -18.25 -28.16
N GLY A 227 0.30 -18.29 -27.48
CA GLY A 227 1.58 -18.57 -28.11
C GLY A 227 2.46 -17.36 -28.42
N ARG A 228 2.17 -16.19 -27.84
CA ARG A 228 3.02 -15.02 -28.05
C ARG A 228 4.24 -15.22 -27.15
N GLU A 229 5.44 -15.13 -27.72
CA GLU A 229 6.65 -15.29 -26.93
C GLU A 229 7.10 -13.91 -26.47
N VAL A 230 7.28 -13.75 -25.17
CA VAL A 230 7.61 -12.45 -24.61
C VAL A 230 9.00 -12.51 -24.05
N ALA A 231 9.87 -11.61 -24.49
CA ALA A 231 11.20 -11.50 -23.91
C ALA A 231 11.06 -10.79 -22.56
N LEU A 232 11.57 -11.40 -21.49
CA LEU A 232 11.57 -10.77 -20.15
C LEU A 232 12.98 -10.31 -19.86
N GLU A 233 13.13 -9.06 -19.39
CA GLU A 233 14.46 -8.52 -19.13
C GLU A 233 14.45 -7.75 -17.81
N LEU A 234 15.27 -8.20 -16.87
CA LEU A 234 15.36 -7.55 -15.57
CA LEU A 234 15.36 -7.52 -15.57
C LEU A 234 16.74 -6.89 -15.42
N TYR A 235 16.74 -5.56 -15.31
CA TYR A 235 17.94 -4.73 -15.27
C TYR A 235 18.22 -4.42 -13.82
N VAL A 236 19.40 -4.79 -13.35
CA VAL A 236 19.82 -4.53 -11.97
C VAL A 236 21.24 -3.96 -12.00
N ASP A 237 21.62 -3.28 -10.93
CA ASP A 237 22.99 -2.74 -10.83
C ASP A 237 23.98 -3.87 -11.01
N ARG A 238 25.13 -3.57 -11.60
CA ARG A 238 26.19 -4.55 -11.74
C ARG A 238 26.48 -5.22 -10.41
N GLY A 239 26.51 -6.55 -10.42
CA GLY A 239 26.84 -7.33 -9.22
C GLY A 239 25.62 -7.89 -8.53
N ASN A 240 24.43 -7.54 -9.01
CA ASN A 240 23.16 -7.92 -8.36
C ASN A 240 22.39 -9.06 -9.03
N LEU A 241 23.00 -9.70 -10.02
CA LEU A 241 22.33 -10.77 -10.74
C LEU A 241 21.96 -11.94 -9.83
N ASP A 242 22.76 -12.15 -8.77
CA ASP A 242 22.47 -13.19 -7.77
C ASP A 242 21.16 -12.94 -6.99
N ARG A 243 20.64 -11.73 -7.09
CA ARG A 243 19.42 -11.36 -6.36
C ARG A 243 18.17 -11.20 -7.24
N ALA A 244 18.29 -11.54 -8.52
CA ALA A 244 17.21 -11.30 -9.50
C ALA A 244 16.24 -12.45 -9.80
N PRO A 245 16.67 -13.74 -9.72
CA PRO A 245 15.77 -14.82 -10.14
C PRO A 245 14.38 -14.88 -9.47
N TRP A 246 14.25 -14.53 -8.19
CA TRP A 246 12.92 -14.60 -7.58
C TRP A 246 11.94 -13.61 -8.24
N ALA A 247 12.41 -12.40 -8.52
CA ALA A 247 11.56 -11.38 -9.17
C ALA A 247 11.13 -11.89 -10.56
N MET A 248 12.08 -12.49 -11.28
CA MET A 248 11.81 -13.06 -12.61
C MET A 248 10.77 -14.17 -12.53
N THR A 249 10.94 -15.05 -11.54
CA THR A 249 9.97 -16.14 -11.29
C THR A 249 8.58 -15.57 -10.98
N SER A 250 8.56 -14.52 -10.14
CA SER A 250 7.30 -13.86 -9.75
C SER A 250 6.60 -13.20 -10.96
N LEU A 251 7.41 -12.65 -11.88
CA LEU A 251 6.88 -12.05 -13.11
C LEU A 251 6.19 -13.13 -13.93
N LYS A 252 6.87 -14.25 -14.14
CA LYS A 252 6.24 -15.36 -14.86
C LYS A 252 4.99 -15.87 -14.16
N ASN A 253 5.06 -16.00 -12.82
CA ASN A 253 3.89 -16.37 -12.04
C ASN A 253 2.72 -15.42 -12.25
N SER A 254 3.01 -14.11 -12.25
CA SER A 254 1.98 -13.07 -12.45
C SER A 254 1.33 -13.20 -13.82
N MET A 255 2.17 -13.41 -14.83
CA MET A 255 1.66 -13.54 -16.20
C MET A 255 0.76 -14.75 -16.32
N LYS A 256 1.21 -15.89 -15.80
CA LYS A 256 0.39 -17.09 -15.84
C LYS A 256 -0.94 -16.93 -15.09
N TRP A 257 -0.87 -16.34 -13.89
CA TRP A 257 -2.09 -16.16 -13.10
C TRP A 257 -3.12 -15.25 -13.77
N ASP A 258 -2.66 -14.14 -14.35
CA ASP A 258 -3.60 -13.23 -14.98
C ASP A 258 -4.30 -13.91 -16.15
N GLU A 259 -3.58 -14.80 -16.85
CA GLU A 259 -4.22 -15.63 -17.89
C GLU A 259 -5.27 -16.59 -17.31
N GLU A 260 -4.89 -17.32 -16.27
CA GLU A 260 -5.78 -18.33 -15.68
C GLU A 260 -7.01 -17.72 -15.02
N ARG A 261 -6.78 -16.69 -14.22
CA ARG A 261 -7.86 -16.11 -13.42
C ARG A 261 -8.70 -15.07 -14.17
N PHE A 262 -8.06 -14.16 -14.89
CA PHE A 262 -8.77 -13.08 -15.56
C PHE A 262 -8.85 -13.23 -17.08
N GLY A 263 -8.16 -14.22 -17.62
CA GLY A 263 -8.10 -14.43 -19.08
C GLY A 263 -7.36 -13.31 -19.81
N LEU A 264 -6.35 -12.73 -19.17
CA LEU A 264 -5.65 -11.58 -19.75
C LEU A 264 -4.23 -11.98 -20.11
N GLU A 265 -3.82 -11.64 -21.32
CA GLU A 265 -2.47 -11.91 -21.81
C GLU A 265 -1.69 -10.61 -22.00
N TYR A 266 -0.37 -10.68 -21.82
CA TYR A 266 0.49 -9.56 -22.16
C TYR A 266 0.38 -9.25 -23.66
N ASP A 267 0.58 -7.97 -24.01
CA ASP A 267 0.21 -7.46 -25.34
C ASP A 267 1.38 -6.90 -26.15
N LEU A 268 2.58 -7.02 -25.58
CA LEU A 268 3.80 -6.61 -26.25
C LEU A 268 4.80 -7.76 -26.34
N ASP A 269 5.95 -7.45 -26.91
CA ASP A 269 6.96 -8.44 -27.28
C ASP A 269 8.08 -8.53 -26.23
N ILE A 270 8.23 -7.47 -25.45
CA ILE A 270 9.27 -7.38 -24.42
C ILE A 270 8.60 -6.85 -23.15
N TYR A 271 9.07 -7.33 -22.01
CA TYR A 271 8.65 -6.81 -20.72
C TYR A 271 9.94 -6.50 -19.98
N MET A 272 10.20 -5.22 -19.75
CA MET A 272 11.41 -4.79 -19.06
C MET A 272 11.06 -4.32 -17.66
N ILE A 273 11.91 -4.69 -16.70
CA ILE A 273 11.84 -4.17 -15.34
C ILE A 273 13.23 -3.66 -14.97
N VAL A 274 13.30 -2.44 -14.42
CA VAL A 274 14.57 -1.90 -13.95
C VAL A 274 14.47 -1.65 -12.45
N ALA A 275 15.39 -2.24 -11.69
CA ALA A 275 15.46 -2.00 -10.24
C ALA A 275 16.37 -0.79 -9.96
N VAL A 276 15.83 0.25 -9.32
CA VAL A 276 16.61 1.44 -8.96
C VAL A 276 16.63 1.64 -7.44
N ASP A 277 17.75 2.13 -6.91
CA ASP A 277 17.90 2.30 -5.46
C ASP A 277 17.21 3.55 -4.93
N PHE A 278 17.04 4.55 -5.78
CA PHE A 278 16.47 5.84 -5.37
C PHE A 278 15.08 5.99 -5.99
N PHE A 279 14.05 5.86 -5.15
CA PHE A 279 12.66 5.80 -5.64
C PHE A 279 11.72 6.10 -4.48
N ASN A 280 10.77 7.01 -4.71
CA ASN A 280 9.89 7.48 -3.63
C ASN A 280 8.81 6.50 -3.20
N MET A 281 8.39 5.66 -4.12
CA MET A 281 7.33 4.70 -3.83
C MET A 281 7.81 3.26 -3.97
N GLY A 282 6.91 2.37 -4.33
CA GLY A 282 7.20 0.94 -4.44
C GLY A 282 7.67 0.58 -5.84
N ALA A 283 6.82 0.83 -6.83
CA ALA A 283 7.18 0.49 -8.20
C ALA A 283 6.18 1.16 -9.13
N MET A 284 6.48 1.16 -10.43
CA MET A 284 5.71 1.96 -11.37
C MET A 284 5.44 1.17 -12.66
N GLU A 285 4.17 1.13 -13.07
CA GLU A 285 3.71 0.29 -14.17
C GLU A 285 3.92 0.87 -15.59
N ASN A 286 5.00 1.63 -15.83
CA ASN A 286 5.18 2.23 -17.18
C ASN A 286 5.10 1.14 -18.26
N LYS A 287 4.38 1.40 -19.35
CA LYS A 287 4.05 0.34 -20.32
C LYS A 287 5.32 -0.33 -20.83
N GLY A 288 5.45 -1.64 -20.59
CA GLY A 288 6.59 -2.41 -21.07
C GLY A 288 7.94 -2.10 -20.46
N LEU A 289 7.98 -1.14 -19.54
CA LEU A 289 9.25 -0.75 -18.91
C LEU A 289 8.95 -0.31 -17.48
N ASN A 290 8.66 -1.29 -16.62
CA ASN A 290 8.34 -0.95 -15.23
C ASN A 290 9.61 -0.49 -14.54
N ILE A 291 9.49 0.49 -13.65
CA ILE A 291 10.64 0.92 -12.83
C ILE A 291 10.28 0.64 -11.39
N PHE A 292 11.15 -0.12 -10.72
CA PHE A 292 10.91 -0.64 -9.37
C PHE A 292 11.92 -0.11 -8.37
N ASN A 293 11.44 0.26 -7.19
CA ASN A 293 12.31 0.36 -6.02
C ASN A 293 13.00 -1.01 -5.85
N SER A 294 14.33 -1.03 -5.75
CA SER A 294 15.06 -2.30 -5.63
CA SER A 294 15.09 -2.27 -5.59
C SER A 294 14.57 -3.12 -4.43
N LYS A 295 13.97 -2.48 -3.44
CA LYS A 295 13.39 -3.22 -2.31
C LYS A 295 12.35 -4.25 -2.77
N TYR A 296 11.69 -3.99 -3.91
CA TYR A 296 10.69 -4.92 -4.42
C TYR A 296 11.16 -5.75 -5.61
N VAL A 297 12.48 -5.89 -5.72
CA VAL A 297 13.08 -6.79 -6.72
C VAL A 297 14.13 -7.72 -6.08
N LEU A 298 15.08 -7.15 -5.33
CA LEU A 298 16.31 -7.90 -4.96
C LEU A 298 16.09 -8.80 -3.75
N ALA A 299 16.34 -10.11 -3.95
CA ALA A 299 16.21 -11.08 -2.87
C ALA A 299 17.18 -12.25 -3.01
N ARG A 300 17.80 -12.58 -1.89
CA ARG A 300 18.61 -13.79 -1.71
CA ARG A 300 18.45 -13.86 -1.74
C ARG A 300 18.27 -14.30 -0.31
N THR A 301 18.43 -15.61 -0.06
CA THR A 301 17.95 -16.15 1.23
C THR A 301 18.67 -15.55 2.44
N ASP A 302 19.89 -15.06 2.26
CA ASP A 302 20.63 -14.46 3.38
C ASP A 302 20.38 -12.95 3.55
N THR A 303 19.68 -12.34 2.59
CA THR A 303 19.42 -10.89 2.63
C THR A 303 17.94 -10.54 2.82
N ALA A 304 17.07 -11.46 2.43
CA ALA A 304 15.64 -11.19 2.36
C ALA A 304 14.88 -12.17 3.22
N THR A 305 13.82 -11.68 3.87
CA THR A 305 12.93 -12.50 4.69
C THR A 305 11.78 -13.09 3.86
N ASP A 306 11.03 -14.02 4.46
CA ASP A 306 9.82 -14.58 3.85
C ASP A 306 8.88 -13.43 3.44
N LYS A 307 8.73 -12.44 4.32
CA LYS A 307 7.89 -11.28 4.04
C LYS A 307 8.40 -10.51 2.80
N ASP A 308 9.71 -10.30 2.69
CA ASP A 308 10.30 -9.67 1.50
C ASP A 308 9.97 -10.44 0.21
N TYR A 309 10.15 -11.77 0.25
CA TYR A 309 9.81 -12.62 -0.91
C TYR A 309 8.33 -12.43 -1.31
N LEU A 310 7.42 -12.49 -0.33
CA LEU A 310 5.99 -12.33 -0.61
C LEU A 310 5.64 -10.91 -1.07
N ASP A 311 6.38 -9.92 -0.57
CA ASP A 311 6.18 -8.53 -1.01
C ASP A 311 6.67 -8.33 -2.44
N ILE A 312 7.81 -8.94 -2.78
CA ILE A 312 8.31 -8.88 -4.16
C ILE A 312 7.27 -9.52 -5.07
N GLU A 313 6.76 -10.67 -4.67
CA GLU A 313 5.70 -11.34 -5.43
C GLU A 313 4.47 -10.43 -5.64
N ARG A 314 3.99 -9.82 -4.56
CA ARG A 314 2.83 -8.93 -4.59
CA ARG A 314 2.81 -8.97 -4.65
C ARG A 314 3.04 -7.71 -5.51
N VAL A 315 4.22 -7.08 -5.41
CA VAL A 315 4.49 -5.83 -6.14
C VAL A 315 4.81 -6.08 -7.61
N ILE A 316 5.58 -7.13 -7.89
CA ILE A 316 5.75 -7.59 -9.27
C ILE A 316 4.38 -7.85 -9.90
N GLY A 317 3.54 -8.60 -9.21
CA GLY A 317 2.19 -8.89 -9.67
C GLY A 317 1.42 -7.58 -9.87
N HIS A 318 1.41 -6.73 -8.84
CA HIS A 318 0.68 -5.46 -8.90
C HIS A 318 1.00 -4.67 -10.19
N GLU A 319 2.29 -4.45 -10.46
CA GLU A 319 2.66 -3.63 -11.63
C GLU A 319 2.26 -4.35 -12.92
N TYR A 320 2.44 -5.66 -12.93
CA TYR A 320 2.02 -6.48 -14.08
C TYR A 320 0.51 -6.34 -14.33
N PHE A 321 -0.28 -6.45 -13.27
CA PHE A 321 -1.73 -6.39 -13.39
C PHE A 321 -2.22 -5.02 -13.92
N HIS A 322 -1.48 -3.96 -13.62
CA HIS A 322 -1.77 -2.63 -14.18
C HIS A 322 -1.74 -2.61 -15.70
N ASN A 323 -1.03 -3.57 -16.31
CA ASN A 323 -0.98 -3.58 -17.79
C ASN A 323 -2.38 -3.51 -18.41
N TRP A 324 -3.34 -4.18 -17.77
CA TRP A 324 -4.74 -4.07 -18.19
C TRP A 324 -5.51 -3.05 -17.36
N THR A 325 -5.39 -3.15 -16.03
CA THR A 325 -6.18 -2.27 -15.16
C THR A 325 -5.36 -1.03 -14.79
N GLY A 326 -5.25 -0.10 -15.75
CA GLY A 326 -4.43 1.10 -15.59
C GLY A 326 -3.83 1.54 -16.92
N ASN A 327 -3.36 0.58 -17.72
CA ASN A 327 -2.68 0.91 -19.00
C ASN A 327 -3.62 0.77 -20.20
N ARG A 328 -4.06 -0.46 -20.50
CA ARG A 328 -5.03 -0.66 -21.59
C ARG A 328 -6.35 0.10 -21.35
N VAL A 329 -6.78 0.16 -20.07
CA VAL A 329 -7.79 1.15 -19.69
C VAL A 329 -7.17 2.03 -18.62
N THR A 330 -7.11 3.33 -18.87
CA THR A 330 -6.49 4.26 -17.93
C THR A 330 -7.55 5.15 -17.23
N CYS A 331 -7.11 6.21 -16.56
CA CYS A 331 -7.97 7.07 -15.75
C CYS A 331 -8.27 8.37 -16.51
N ARG A 332 -9.54 8.76 -16.58
CA ARG A 332 -9.91 10.03 -17.26
C ARG A 332 -9.28 11.25 -16.58
N ASP A 333 -9.18 11.20 -15.24
CA ASP A 333 -8.57 12.28 -14.47
C ASP A 333 -8.08 11.67 -13.16
N TRP A 334 -7.32 12.43 -12.37
CA TRP A 334 -6.68 11.83 -11.19
C TRP A 334 -7.65 11.57 -10.04
N PHE A 335 -8.83 12.18 -10.08
CA PHE A 335 -9.86 11.86 -9.07
C PHE A 335 -10.33 10.42 -9.25
N GLN A 336 -10.13 9.85 -10.46
CA GLN A 336 -10.48 8.46 -10.72
C GLN A 336 -9.35 7.49 -10.37
N LEU A 337 -8.37 7.92 -9.59
CA LEU A 337 -7.20 7.04 -9.29
C LEU A 337 -7.56 5.61 -8.83
N SER A 338 -8.57 5.50 -7.97
CA SER A 338 -8.97 4.18 -7.43
C SER A 338 -9.48 3.23 -8.52
N LEU A 339 -9.98 3.77 -9.63
CA LEU A 339 -10.35 2.96 -10.80
C LEU A 339 -9.23 1.97 -11.14
N LYS A 340 -7.98 2.44 -11.14
CA LYS A 340 -6.86 1.53 -11.35
C LYS A 340 -6.26 1.01 -10.05
N GLU A 341 -6.18 1.82 -8.99
CA GLU A 341 -5.50 1.35 -7.78
C GLU A 341 -6.32 0.39 -6.94
N GLY A 342 -7.60 0.67 -6.72
CA GLY A 342 -8.45 -0.26 -5.95
C GLY A 342 -8.52 -1.60 -6.68
N LEU A 343 -8.72 -1.54 -8.00
CA LEU A 343 -8.88 -2.76 -8.79
C LEU A 343 -7.56 -3.53 -8.90
N THR A 344 -6.43 -2.83 -9.02
CA THR A 344 -5.14 -3.52 -9.12
C THR A 344 -4.68 -4.08 -7.77
N VAL A 345 -4.98 -3.37 -6.69
CA VAL A 345 -4.73 -3.92 -5.37
C VAL A 345 -5.58 -5.17 -5.16
N PHE A 346 -6.86 -5.11 -5.54
CA PHE A 346 -7.71 -6.31 -5.44
C PHE A 346 -7.07 -7.48 -6.21
N ARG A 347 -6.59 -7.20 -7.41
CA ARG A 347 -5.94 -8.22 -8.23
C ARG A 347 -4.66 -8.75 -7.59
N ASP A 348 -3.83 -7.88 -7.04
CA ASP A 348 -2.62 -8.39 -6.38
C ASP A 348 -2.96 -9.22 -5.13
N GLN A 349 -4.03 -8.86 -4.41
CA GLN A 349 -4.45 -9.66 -3.24
C GLN A 349 -4.97 -11.05 -3.66
N GLU A 350 -5.76 -11.06 -4.74
CA GLU A 350 -6.27 -12.32 -5.30
C GLU A 350 -5.17 -13.24 -5.79
N PHE A 351 -4.16 -12.66 -6.43
CA PHE A 351 -2.95 -13.34 -6.88
C PHE A 351 -2.22 -13.97 -5.69
N SER A 352 -1.87 -13.15 -4.71
CA SER A 352 -1.17 -13.65 -3.51
C SER A 352 -1.98 -14.72 -2.78
N SER A 353 -3.29 -14.50 -2.72
CA SER A 353 -4.19 -15.41 -2.01
C SER A 353 -4.35 -16.74 -2.74
N ASP A 354 -4.44 -16.69 -4.07
CA ASP A 354 -4.53 -17.92 -4.88
C ASP A 354 -3.26 -18.73 -4.77
N LEU A 355 -2.10 -18.07 -4.90
CA LEU A 355 -0.82 -18.78 -4.86
C LEU A 355 -0.41 -19.23 -3.46
N GLY A 356 -0.80 -18.46 -2.46
CA GLY A 356 -0.34 -18.71 -1.08
C GLY A 356 -1.48 -19.11 -0.18
N SER A 357 -1.43 -18.64 1.06
CA SER A 357 -2.50 -18.87 2.02
C SER A 357 -3.54 -17.78 1.90
N ARG A 358 -4.75 -18.11 1.45
CA ARG A 358 -5.80 -17.10 1.35
C ARG A 358 -6.13 -16.51 2.74
N ALA A 359 -6.19 -17.38 3.76
CA ALA A 359 -6.50 -16.93 5.13
C ALA A 359 -5.48 -15.91 5.64
N VAL A 360 -4.19 -16.20 5.46
CA VAL A 360 -3.14 -15.29 5.95
C VAL A 360 -3.17 -13.96 5.18
N ASN A 361 -3.35 -14.04 3.86
CA ASN A 361 -3.52 -12.80 3.11
C ASN A 361 -4.69 -11.97 3.59
N ARG A 362 -5.87 -12.59 3.71
CA ARG A 362 -7.06 -11.86 4.16
C ARG A 362 -6.83 -11.23 5.55
N ILE A 363 -6.32 -12.04 6.49
CA ILE A 363 -5.99 -11.56 7.83
C ILE A 363 -5.08 -10.34 7.76
N ASN A 364 -3.99 -10.42 7.03
CA ASN A 364 -3.08 -9.27 6.96
C ASN A 364 -3.66 -8.03 6.31
N ASN A 365 -4.49 -8.22 5.29
CA ASN A 365 -5.16 -7.10 4.63
C ASN A 365 -6.19 -6.43 5.53
N VAL A 366 -6.84 -7.24 6.36
CA VAL A 366 -7.78 -6.72 7.37
C VAL A 366 -7.03 -5.97 8.48
N ARG A 367 -5.88 -6.49 8.92
CA ARG A 367 -5.04 -5.76 9.88
CA ARG A 367 -5.01 -5.78 9.87
C ARG A 367 -4.68 -4.37 9.34
N THR A 368 -4.30 -4.31 8.07
CA THR A 368 -4.01 -3.04 7.42
C THR A 368 -5.23 -2.13 7.38
N MET A 369 -6.40 -2.67 7.05
CA MET A 369 -7.62 -1.83 7.01
C MET A 369 -7.99 -1.27 8.37
N ARG A 370 -8.09 -2.16 9.37
CA ARG A 370 -8.52 -1.72 10.70
C ARG A 370 -7.47 -0.90 11.44
N GLY A 371 -6.20 -1.23 11.27
CA GLY A 371 -5.15 -0.60 12.04
C GLY A 371 -4.56 0.65 11.42
N LEU A 372 -4.63 0.76 10.09
CA LEU A 372 -4.01 1.89 9.37
C LEU A 372 -5.01 2.69 8.58
N GLN A 373 -5.87 2.03 7.79
CA GLN A 373 -6.79 2.79 6.94
C GLN A 373 -7.89 3.48 7.76
N PHE A 374 -8.46 2.76 8.74
CA PHE A 374 -9.50 3.36 9.62
C PHE A 374 -8.95 4.63 10.27
N ALA A 375 -7.68 4.60 10.68
CA ALA A 375 -7.03 5.78 11.28
C ALA A 375 -7.02 6.95 10.30
N GLU A 376 -6.70 6.66 9.03
CA GLU A 376 -6.73 7.72 8.02
C GLU A 376 -8.14 8.27 7.84
N ASP A 377 -9.13 7.38 7.81
CA ASP A 377 -10.52 7.80 7.63
C ASP A 377 -11.05 8.60 8.83
N ALA A 378 -10.33 8.56 9.96
CA ALA A 378 -10.70 9.29 11.19
C ALA A 378 -9.87 10.58 11.35
N SER A 379 -9.09 10.88 10.32
CA SER A 379 -8.10 11.96 10.40
C SER A 379 -8.52 13.19 9.59
N PRO A 380 -7.81 14.31 9.75
CA PRO A 380 -8.05 15.49 8.91
C PRO A 380 -7.89 15.24 7.40
N MET A 381 -7.15 14.21 7.02
CA MET A 381 -6.93 13.91 5.59
C MET A 381 -7.98 12.96 5.02
N ALA A 382 -9.04 12.66 5.77
CA ALA A 382 -10.08 11.76 5.28
C ALA A 382 -10.60 12.17 3.90
N HIS A 383 -10.82 11.19 3.03
CA HIS A 383 -11.37 11.42 1.71
C HIS A 383 -12.10 10.17 1.24
N PRO A 384 -13.07 10.33 0.32
CA PRO A 384 -13.65 9.15 -0.32
C PRO A 384 -12.61 8.48 -1.23
N ILE A 385 -12.85 7.22 -1.59
CA ILE A 385 -11.93 6.50 -2.49
C ILE A 385 -11.83 7.21 -3.85
N ARG A 386 -12.91 7.94 -4.21
CA ARG A 386 -12.84 8.88 -5.34
C ARG A 386 -12.88 10.30 -4.74
N PRO A 387 -11.71 10.95 -4.56
CA PRO A 387 -11.72 12.27 -3.90
C PRO A 387 -12.49 13.34 -4.70
N ASP A 388 -12.96 14.36 -3.98
CA ASP A 388 -13.65 15.48 -4.61
C ASP A 388 -12.79 16.72 -4.75
N MET A 389 -11.73 16.80 -3.94
CA MET A 389 -10.88 17.98 -3.87
C MET A 389 -9.44 17.56 -3.58
N VAL A 390 -8.51 18.05 -4.39
CA VAL A 390 -7.10 17.73 -4.27
C VAL A 390 -6.29 19.00 -4.51
N ILE A 391 -5.31 19.26 -3.63
CA ILE A 391 -4.33 20.31 -3.87
C ILE A 391 -3.10 19.69 -4.50
N GLU A 392 -2.53 18.67 -3.86
CA GLU A 392 -1.34 18.00 -4.40
C GLU A 392 -1.71 16.53 -4.62
N MET A 393 -1.81 16.15 -5.89
CA MET A 393 -2.28 14.79 -6.20
C MET A 393 -1.38 13.70 -5.61
N ASN A 394 -0.08 13.98 -5.45
CA ASN A 394 0.78 12.98 -4.83
C ASN A 394 0.39 12.63 -3.40
N ASN A 395 -0.38 13.52 -2.76
CA ASN A 395 -0.93 13.25 -1.42
C ASN A 395 -2.05 12.22 -1.38
N PHE A 396 -2.56 11.81 -2.54
CA PHE A 396 -3.73 10.93 -2.61
C PHE A 396 -3.46 9.48 -3.05
N TYR A 397 -2.20 9.09 -2.97
CA TYR A 397 -1.81 7.70 -3.18
C TYR A 397 -1.85 7.02 -1.81
N THR A 398 -3.07 6.75 -1.36
CA THR A 398 -3.31 6.53 0.09
C THR A 398 -3.86 5.15 0.41
N LEU A 399 -3.77 4.79 1.69
CA LEU A 399 -4.45 3.62 2.24
C LEU A 399 -5.91 3.61 1.79
N THR A 400 -6.54 4.79 1.72
CA THR A 400 -7.94 4.86 1.34
C THR A 400 -8.11 4.48 -0.14
N VAL A 401 -7.41 5.18 -1.01
CA VAL A 401 -7.55 4.96 -2.45
C VAL A 401 -7.17 3.51 -2.86
N TYR A 402 -6.09 3.02 -2.27
CA TYR A 402 -5.58 1.66 -2.55
C TYR A 402 -6.33 0.58 -1.78
N GLU A 403 -6.14 0.56 -0.45
CA GLU A 403 -6.67 -0.54 0.37
C GLU A 403 -8.18 -0.51 0.55
N LYS A 404 -8.75 0.62 0.96
CA LYS A 404 -10.22 0.70 0.99
C LYS A 404 -10.76 0.58 -0.45
N GLY A 405 -10.05 1.14 -1.43
CA GLY A 405 -10.45 0.97 -2.84
C GLY A 405 -10.62 -0.50 -3.18
N ALA A 406 -9.65 -1.34 -2.77
CA ALA A 406 -9.73 -2.81 -2.98
C ALA A 406 -10.90 -3.45 -2.25
N GLU A 407 -11.15 -3.00 -1.02
CA GLU A 407 -12.31 -3.53 -0.25
C GLU A 407 -13.62 -3.24 -0.97
N VAL A 408 -13.70 -2.09 -1.65
CA VAL A 408 -14.88 -1.75 -2.43
C VAL A 408 -15.01 -2.66 -3.64
N ILE A 409 -13.92 -2.88 -4.36
CA ILE A 409 -13.92 -3.89 -5.45
C ILE A 409 -14.35 -5.27 -4.91
N ARG A 410 -13.80 -5.64 -3.76
CA ARG A 410 -14.10 -6.95 -3.15
C ARG A 410 -15.58 -7.07 -2.78
N MET A 411 -16.18 -5.97 -2.31
CA MET A 411 -17.64 -5.91 -2.08
C MET A 411 -18.46 -6.16 -3.33
N ILE A 412 -18.04 -5.55 -4.45
CA ILE A 412 -18.67 -5.88 -5.73
C ILE A 412 -18.54 -7.37 -6.02
N HIS A 413 -17.34 -7.93 -5.83
CA HIS A 413 -17.11 -9.35 -6.04
C HIS A 413 -18.05 -10.18 -5.14
N THR A 414 -18.19 -9.77 -3.88
CA THR A 414 -19.11 -10.45 -2.95
C THR A 414 -20.57 -10.40 -3.41
N LEU A 415 -20.99 -9.23 -3.88
CA LEU A 415 -22.34 -9.04 -4.36
C LEU A 415 -22.65 -9.80 -5.66
N LEU A 416 -21.64 -9.95 -6.52
CA LEU A 416 -21.87 -10.51 -7.86
C LEU A 416 -21.51 -11.96 -7.97
N GLY A 417 -20.51 -12.38 -7.20
CA GLY A 417 -19.92 -13.72 -7.33
C GLY A 417 -18.90 -13.73 -8.47
N GLU A 418 -18.01 -14.71 -8.47
CA GLU A 418 -16.88 -14.71 -9.41
C GLU A 418 -17.29 -14.68 -10.88
N GLU A 419 -18.30 -15.46 -11.24
CA GLU A 419 -18.71 -15.54 -12.64
C GLU A 419 -19.22 -14.20 -13.18
N ASN A 420 -20.13 -13.58 -12.45
CA ASN A 420 -20.65 -12.26 -12.84
C ASN A 420 -19.56 -11.20 -12.77
N PHE A 421 -18.67 -11.32 -11.79
CA PHE A 421 -17.59 -10.35 -11.63
C PHE A 421 -16.72 -10.37 -12.89
N GLN A 422 -16.35 -11.57 -13.33
CA GLN A 422 -15.55 -11.71 -14.53
C GLN A 422 -16.29 -11.25 -15.79
N LYS A 423 -17.61 -11.49 -15.87
CA LYS A 423 -18.41 -10.89 -16.96
C LYS A 423 -18.30 -9.38 -16.95
N GLY A 424 -18.37 -8.78 -15.76
CA GLY A 424 -18.19 -7.34 -15.61
C GLY A 424 -16.84 -6.85 -16.06
N MET A 425 -15.76 -7.56 -15.66
CA MET A 425 -14.40 -7.24 -16.15
C MET A 425 -14.37 -7.28 -17.69
N GLN A 426 -14.97 -8.33 -18.26
CA GLN A 426 -14.96 -8.49 -19.71
C GLN A 426 -15.72 -7.35 -20.40
N LEU A 427 -16.85 -6.93 -19.85
CA LEU A 427 -17.61 -5.80 -20.42
C LEU A 427 -16.84 -4.47 -20.26
N TYR A 428 -16.21 -4.30 -19.10
CA TYR A 428 -15.34 -3.12 -18.84
C TYR A 428 -14.27 -2.98 -19.92
N PHE A 429 -13.53 -4.05 -20.19
CA PHE A 429 -12.50 -4.01 -21.25
C PHE A 429 -13.09 -3.83 -22.66
N GLU A 430 -14.19 -4.52 -22.92
CA GLU A 430 -14.84 -4.42 -24.23
C GLU A 430 -15.20 -2.96 -24.53
N ARG A 431 -15.77 -2.28 -23.54
CA ARG A 431 -16.19 -0.89 -23.70
C ARG A 431 -15.05 0.10 -23.68
N HIS A 432 -14.06 -0.13 -22.82
CA HIS A 432 -13.13 0.95 -22.49
C HIS A 432 -11.66 0.72 -22.88
N ASP A 433 -11.37 -0.44 -23.45
CA ASP A 433 -10.02 -0.74 -23.92
C ASP A 433 -9.57 0.38 -24.86
N GLY A 434 -8.36 0.88 -24.64
CA GLY A 434 -7.82 1.97 -25.45
C GLY A 434 -8.25 3.36 -25.05
N SER A 435 -8.93 3.52 -23.91
CA SER A 435 -9.40 4.84 -23.47
C SER A 435 -9.10 5.13 -22.00
N ALA A 436 -9.43 6.35 -21.58
CA ALA A 436 -9.34 6.76 -20.18
C ALA A 436 -10.76 6.74 -19.63
N ALA A 437 -10.98 6.04 -18.52
CA ALA A 437 -12.34 5.82 -18.03
C ALA A 437 -12.51 6.36 -16.63
N THR A 438 -13.71 6.22 -16.09
CA THR A 438 -13.99 6.72 -14.75
C THR A 438 -14.41 5.57 -13.81
N CYS A 439 -14.36 5.83 -12.51
CA CYS A 439 -14.90 4.87 -11.54
C CYS A 439 -16.33 4.49 -11.91
N ASP A 440 -17.14 5.49 -12.24
CA ASP A 440 -18.54 5.22 -12.59
C ASP A 440 -18.66 4.28 -13.79
N ASP A 441 -17.77 4.43 -14.78
CA ASP A 441 -17.78 3.53 -15.95
C ASP A 441 -17.61 2.08 -15.52
N PHE A 442 -16.67 1.85 -14.60
CA PHE A 442 -16.40 0.51 -14.07
C PHE A 442 -17.61 -0.07 -13.35
N VAL A 443 -18.19 0.72 -12.47
CA VAL A 443 -19.40 0.27 -11.74
C VAL A 443 -20.53 -0.05 -12.71
N GLN A 444 -20.73 0.81 -13.72
CA GLN A 444 -21.76 0.54 -14.72
CA GLN A 444 -21.78 0.53 -14.69
C GLN A 444 -21.53 -0.76 -15.48
N ALA A 445 -20.26 -1.05 -15.83
CA ALA A 445 -19.95 -2.32 -16.52
C ALA A 445 -20.31 -3.52 -15.65
N MET A 446 -20.01 -3.43 -14.36
CA MET A 446 -20.32 -4.52 -13.43
C MET A 446 -21.83 -4.71 -13.29
N GLU A 447 -22.55 -3.60 -13.18
CA GLU A 447 -23.99 -3.60 -13.04
C GLU A 447 -24.64 -4.16 -14.33
N ASP A 448 -24.17 -3.70 -15.49
CA ASP A 448 -24.76 -4.12 -16.77
C ASP A 448 -24.49 -5.59 -17.08
N ALA A 449 -23.27 -6.07 -16.82
CA ALA A 449 -22.95 -7.47 -17.09
C ALA A 449 -23.68 -8.44 -16.16
N SER A 450 -23.88 -8.03 -14.92
CA SER A 450 -24.38 -8.94 -13.88
C SER A 450 -25.88 -8.85 -13.64
N ASN A 451 -26.48 -7.75 -14.07
CA ASN A 451 -27.86 -7.40 -13.72
CA ASN A 451 -27.86 -7.41 -13.71
C ASN A 451 -28.07 -7.22 -12.22
N VAL A 452 -27.00 -6.94 -11.49
CA VAL A 452 -27.11 -6.59 -10.06
C VAL A 452 -27.17 -5.07 -9.95
N ASP A 453 -28.15 -4.55 -9.23
CA ASP A 453 -28.29 -3.10 -9.13
C ASP A 453 -27.26 -2.50 -8.16
N LEU A 454 -26.39 -1.64 -8.69
CA LEU A 454 -25.31 -1.03 -7.88
C LEU A 454 -25.49 0.47 -7.73
N SER A 455 -26.72 0.96 -7.92
CA SER A 455 -26.95 2.40 -7.83
CA SER A 455 -26.99 2.40 -7.82
C SER A 455 -26.68 2.92 -6.41
N HIS A 456 -27.20 2.24 -5.40
CA HIS A 456 -26.92 2.62 -4.01
C HIS A 456 -25.45 2.36 -3.68
N PHE A 457 -24.95 1.23 -4.16
CA PHE A 457 -23.54 0.85 -3.92
C PHE A 457 -22.55 1.96 -4.28
N ARG A 458 -22.88 2.72 -5.33
CA ARG A 458 -22.03 3.84 -5.77
C ARG A 458 -21.68 4.84 -4.68
N ARG A 459 -22.50 4.96 -3.62
CA ARG A 459 -22.17 5.88 -2.53
C ARG A 459 -20.82 5.56 -1.86
N TRP A 460 -20.38 4.32 -1.93
CA TRP A 460 -19.03 3.97 -1.41
C TRP A 460 -17.91 4.78 -2.09
N TYR A 461 -18.14 5.23 -3.32
CA TYR A 461 -17.15 6.06 -4.02
C TYR A 461 -17.14 7.51 -3.58
N SER A 462 -18.29 7.99 -3.07
CA SER A 462 -18.45 9.41 -2.79
CA SER A 462 -18.52 9.41 -2.78
C SER A 462 -18.43 9.75 -1.31
N GLN A 463 -18.51 8.73 -0.45
CA GLN A 463 -18.58 8.99 0.98
C GLN A 463 -17.35 8.54 1.73
N SER A 464 -16.79 9.44 2.54
CA SER A 464 -15.60 9.15 3.33
C SER A 464 -15.99 8.63 4.72
N GLY A 465 -15.00 8.20 5.50
CA GLY A 465 -15.26 7.74 6.87
C GLY A 465 -15.64 6.26 6.94
N THR A 466 -15.56 5.70 8.14
CA THR A 466 -15.75 4.27 8.32
C THR A 466 -17.15 4.08 8.91
N PRO A 467 -18.01 3.30 8.25
CA PRO A 467 -19.33 3.03 8.84
C PRO A 467 -19.18 2.14 10.07
N ILE A 468 -20.07 2.36 11.03
CA ILE A 468 -20.14 1.55 12.24
C ILE A 468 -21.45 0.78 12.13
N VAL A 469 -21.33 -0.53 12.18
CA VAL A 469 -22.49 -1.41 12.06
C VAL A 469 -22.74 -2.02 13.43
N THR A 470 -23.93 -1.75 13.97
CA THR A 470 -24.33 -2.24 15.31
C THR A 470 -25.32 -3.37 15.10
N VAL A 471 -25.09 -4.49 15.80
CA VAL A 471 -25.94 -5.67 15.65
C VAL A 471 -26.49 -6.06 17.03
N LYS A 472 -27.81 -6.21 17.09
CA LYS A 472 -28.48 -6.80 18.24
C LYS A 472 -29.21 -8.04 17.77
N ASP A 473 -29.31 -9.05 18.65
CA ASP A 473 -29.98 -10.27 18.24
C ASP A 473 -30.99 -10.78 19.28
N ASP A 474 -31.86 -11.66 18.84
CA ASP A 474 -32.86 -12.26 19.70
C ASP A 474 -33.14 -13.66 19.22
N TYR A 475 -33.20 -14.60 20.14
CA TYR A 475 -33.64 -15.95 19.82
C TYR A 475 -34.99 -16.21 20.48
N ASN A 476 -35.95 -16.65 19.68
CA ASN A 476 -37.30 -16.92 20.18
C ASN A 476 -37.51 -18.43 20.17
N PRO A 477 -37.43 -19.06 21.34
CA PRO A 477 -37.57 -20.53 21.39
C PRO A 477 -39.00 -21.00 21.03
N GLU A 478 -40.02 -20.18 21.27
CA GLU A 478 -41.38 -20.57 20.90
C GLU A 478 -41.53 -20.78 19.39
N THR A 479 -40.90 -19.91 18.61
CA THR A 479 -41.09 -19.91 17.16
C THR A 479 -39.88 -20.43 16.39
N GLU A 480 -38.80 -20.73 17.12
CA GLU A 480 -37.52 -21.13 16.54
C GLU A 480 -37.05 -20.13 15.48
N GLN A 481 -37.18 -18.85 15.83
CA GLN A 481 -36.72 -17.77 14.96
C GLN A 481 -35.58 -17.03 15.61
N TYR A 482 -34.64 -16.61 14.77
CA TYR A 482 -33.52 -15.80 15.20
C TYR A 482 -33.63 -14.48 14.46
N THR A 483 -33.59 -13.39 15.22
CA THR A 483 -33.75 -12.06 14.67
C THR A 483 -32.49 -11.24 14.86
N LEU A 484 -31.96 -10.70 13.76
CA LEU A 484 -30.88 -9.72 13.80
C LEU A 484 -31.42 -8.34 13.46
N THR A 485 -31.17 -7.39 14.35
CA THR A 485 -31.49 -5.99 14.11
C THR A 485 -30.17 -5.28 13.88
N ILE A 486 -30.01 -4.78 12.67
CA ILE A 486 -28.72 -4.25 12.25
C ILE A 486 -28.91 -2.78 11.94
N SER A 487 -28.03 -1.96 12.50
CA SER A 487 -28.08 -0.54 12.21
CA SER A 487 -28.06 -0.52 12.29
C SER A 487 -26.72 -0.07 11.72
N GLN A 488 -26.71 1.03 10.99
CA GLN A 488 -25.47 1.61 10.51
C GLN A 488 -25.49 3.12 10.64
N ARG A 489 -24.29 3.65 10.84
CA ARG A 489 -24.06 5.09 10.75
CA ARG A 489 -24.03 5.10 10.91
C ARG A 489 -22.59 5.35 10.47
N THR A 490 -22.34 6.41 9.71
CA THR A 490 -20.97 6.84 9.49
C THR A 490 -20.88 8.19 10.19
N PRO A 491 -19.97 8.33 11.15
CA PRO A 491 -19.80 9.65 11.77
C PRO A 491 -19.32 10.67 10.73
N ALA A 492 -19.78 11.91 10.88
CA ALA A 492 -19.23 13.02 10.09
C ALA A 492 -17.70 13.02 10.13
N THR A 493 -17.11 13.47 9.04
CA THR A 493 -15.68 13.59 8.90
C THR A 493 -15.38 15.07 8.59
N PRO A 494 -14.11 15.51 8.74
CA PRO A 494 -13.85 16.94 8.51
C PRO A 494 -14.17 17.40 7.07
N ASP A 495 -14.10 16.49 6.10
CA ASP A 495 -14.39 16.82 4.71
C ASP A 495 -15.88 16.78 4.33
N GLN A 496 -16.70 16.13 5.15
CA GLN A 496 -18.11 15.89 4.83
C GLN A 496 -19.04 15.95 6.03
N ALA A 497 -19.87 17.00 6.09
CA ALA A 497 -20.89 17.12 7.14
C ALA A 497 -22.08 16.20 6.93
N GLU A 498 -22.34 15.78 5.68
CA GLU A 498 -23.47 14.92 5.42
C GLU A 498 -23.04 13.49 5.17
N LYS A 499 -23.69 12.55 5.84
CA LYS A 499 -23.44 11.13 5.66
C LYS A 499 -24.77 10.40 5.47
N GLN A 500 -24.76 9.37 4.65
CA GLN A 500 -25.96 8.60 4.36
C GLN A 500 -25.67 7.13 4.48
N PRO A 501 -26.72 6.30 4.62
CA PRO A 501 -26.55 4.85 4.68
C PRO A 501 -25.94 4.31 3.40
N LEU A 502 -25.09 3.29 3.54
CA LEU A 502 -24.46 2.62 2.40
C LEU A 502 -25.10 1.27 2.15
N HIS A 503 -24.81 0.70 0.98
CA HIS A 503 -25.16 -0.68 0.68
C HIS A 503 -24.04 -1.59 1.21
N ILE A 504 -24.29 -2.19 2.37
CA ILE A 504 -23.29 -2.95 3.10
C ILE A 504 -23.58 -4.45 2.96
N PRO A 505 -22.70 -5.20 2.24
CA PRO A 505 -22.82 -6.65 2.19
C PRO A 505 -22.34 -7.20 3.53
N PHE A 506 -23.25 -7.83 4.26
CA PHE A 506 -22.99 -8.22 5.65
C PHE A 506 -23.13 -9.74 5.75
N ALA A 507 -22.01 -10.43 5.66
CA ALA A 507 -21.98 -11.91 5.60
C ALA A 507 -22.09 -12.50 7.00
N ILE A 508 -22.96 -13.49 7.15
CA ILE A 508 -23.13 -14.15 8.45
C ILE A 508 -23.08 -15.67 8.33
N GLU A 509 -22.85 -16.32 9.48
CA GLU A 509 -23.00 -17.77 9.60
CA GLU A 509 -22.96 -17.78 9.62
C GLU A 509 -23.49 -18.07 11.01
N LEU A 510 -24.40 -19.02 11.13
CA LEU A 510 -24.98 -19.36 12.44
C LEU A 510 -24.57 -20.76 12.85
N TYR A 511 -24.12 -20.91 14.09
CA TYR A 511 -23.61 -22.21 14.56
C TYR A 511 -24.47 -22.77 15.68
N ASP A 512 -24.79 -24.06 15.62
CA ASP A 512 -25.48 -24.71 16.76
C ASP A 512 -24.48 -25.12 17.86
N ASN A 513 -24.97 -25.83 18.90
CA ASN A 513 -24.13 -26.16 20.06
C ASN A 513 -22.99 -27.13 19.76
N GLU A 514 -23.09 -27.82 18.62
CA GLU A 514 -22.09 -28.79 18.17
C GLU A 514 -21.09 -28.16 17.22
N GLY A 515 -21.26 -26.87 16.94
CA GLY A 515 -20.38 -26.20 15.98
C GLY A 515 -20.76 -26.48 14.53
N LYS A 516 -21.98 -26.92 14.29
CA LYS A 516 -22.48 -27.14 12.93
C LYS A 516 -23.20 -25.92 12.43
N VAL A 517 -23.09 -25.68 11.12
CA VAL A 517 -23.73 -24.53 10.51
C VAL A 517 -25.24 -24.76 10.40
N ILE A 518 -26.02 -23.80 10.90
CA ILE A 518 -27.48 -23.82 10.79
C ILE A 518 -27.89 -23.22 9.44
N PRO A 519 -28.61 -24.00 8.60
CA PRO A 519 -29.08 -23.47 7.30
C PRO A 519 -29.91 -22.20 7.50
N LEU A 520 -29.59 -21.15 6.74
CA LEU A 520 -30.34 -19.89 6.81
C LEU A 520 -31.52 -20.02 5.88
N GLN A 521 -32.70 -19.74 6.41
CA GLN A 521 -33.93 -19.84 5.64
C GLN A 521 -35.00 -19.00 6.28
N LYS A 522 -36.03 -18.70 5.50
CA LYS A 522 -37.20 -17.98 5.97
C LYS A 522 -38.42 -18.35 5.12
N GLY A 523 -39.53 -18.64 5.77
CA GLY A 523 -40.79 -18.97 5.09
C GLY A 523 -40.68 -20.14 4.13
N GLY A 524 -39.78 -21.07 4.43
CA GLY A 524 -39.60 -22.25 3.60
C GLY A 524 -38.64 -22.09 2.42
N HIS A 525 -37.93 -20.96 2.37
CA HIS A 525 -36.96 -20.72 1.30
C HIS A 525 -35.60 -20.41 1.90
N PRO A 526 -34.50 -20.91 1.29
CA PRO A 526 -33.15 -20.55 1.73
C PRO A 526 -32.94 -19.05 1.58
N VAL A 527 -32.10 -18.50 2.44
CA VAL A 527 -31.78 -17.08 2.43
C VAL A 527 -30.27 -16.99 2.21
N ASN A 528 -29.85 -16.05 1.35
CA ASN A 528 -28.43 -15.84 1.10
C ASN A 528 -27.73 -15.35 2.37
N SER A 529 -26.56 -15.89 2.66
CA SER A 529 -25.82 -15.53 3.89
C SER A 529 -25.20 -14.13 3.86
N VAL A 530 -25.11 -13.54 2.66
CA VAL A 530 -24.70 -12.13 2.52
C VAL A 530 -25.95 -11.27 2.61
N LEU A 531 -26.16 -10.68 3.78
CA LEU A 531 -27.31 -9.79 3.99
C LEU A 531 -27.07 -8.42 3.36
N ASN A 532 -28.09 -7.88 2.71
CA ASN A 532 -28.03 -6.53 2.16
C ASN A 532 -28.48 -5.49 3.17
N VAL A 533 -27.52 -4.94 3.91
CA VAL A 533 -27.78 -3.92 4.90
C VAL A 533 -27.72 -2.56 4.19
N THR A 534 -28.90 -2.05 3.83
CA THR A 534 -29.01 -0.86 2.98
C THR A 534 -29.66 0.34 3.70
N GLN A 535 -30.22 0.09 4.89
CA GLN A 535 -30.96 1.11 5.63
CA GLN A 535 -30.99 1.08 5.65
C GLN A 535 -30.22 1.54 6.90
N ALA A 536 -30.67 2.64 7.50
CA ALA A 536 -30.09 3.08 8.78
C ALA A 536 -30.38 2.00 9.82
N GLU A 537 -31.54 1.37 9.73
CA GLU A 537 -31.89 0.24 10.61
C GLU A 537 -32.81 -0.73 9.90
N GLN A 538 -32.57 -2.01 10.14
CA GLN A 538 -33.26 -3.09 9.43
CA GLN A 538 -33.38 -3.06 9.50
C GLN A 538 -33.28 -4.33 10.31
N THR A 539 -34.31 -5.16 10.14
CA THR A 539 -34.42 -6.42 10.83
C THR A 539 -34.36 -7.58 9.84
N PHE A 540 -33.63 -8.63 10.21
CA PHE A 540 -33.60 -9.86 9.43
C PHE A 540 -34.06 -11.01 10.31
N VAL A 541 -35.05 -11.75 9.84
CA VAL A 541 -35.61 -12.88 10.59
C VAL A 541 -35.30 -14.19 9.87
N PHE A 542 -34.82 -15.16 10.64
CA PHE A 542 -34.51 -16.49 10.12
C PHE A 542 -35.34 -17.49 10.89
N ASP A 543 -35.88 -18.47 10.17
CA ASP A 543 -36.78 -19.50 10.69
CA ASP A 543 -36.68 -19.46 10.87
C ASP A 543 -36.05 -20.83 10.82
N ASN A 544 -36.69 -21.80 11.46
CA ASN A 544 -36.11 -23.13 11.59
C ASN A 544 -34.71 -23.07 12.18
N VAL A 545 -34.53 -22.16 13.13
CA VAL A 545 -33.27 -22.06 13.84
C VAL A 545 -33.52 -22.90 15.08
N TYR A 546 -33.07 -24.15 15.01
CA TYR A 546 -33.49 -25.21 15.95
C TYR A 546 -32.76 -25.15 17.30
N PHE A 547 -31.70 -24.35 17.35
CA PHE A 547 -30.94 -24.14 18.58
C PHE A 547 -30.48 -22.69 18.63
N GLN A 548 -30.41 -22.11 19.84
CA GLN A 548 -29.89 -20.75 19.98
C GLN A 548 -28.50 -20.63 19.35
N PRO A 549 -28.36 -19.80 18.30
CA PRO A 549 -27.06 -19.81 17.58
C PRO A 549 -25.96 -18.98 18.22
N VAL A 550 -24.72 -19.36 17.92
CA VAL A 550 -23.57 -18.46 18.09
C VAL A 550 -23.32 -17.91 16.69
N PRO A 551 -23.46 -16.58 16.51
CA PRO A 551 -23.27 -16.06 15.16
C PRO A 551 -21.82 -15.75 14.84
N ALA A 552 -21.44 -15.99 13.58
CA ALA A 552 -20.23 -15.40 13.05
C ALA A 552 -20.70 -14.23 12.18
N LEU A 553 -20.21 -13.03 12.49
CA LEU A 553 -20.70 -11.79 11.89
C LEU A 553 -19.62 -11.10 11.03
N LEU A 554 -20.05 -10.47 9.94
CA LEU A 554 -19.11 -9.83 8.99
C LEU A 554 -18.03 -10.81 8.55
N CYS A 555 -18.47 -11.99 8.08
CA CYS A 555 -17.52 -13.03 7.68
C CYS A 555 -16.60 -12.54 6.58
N GLU A 556 -15.34 -12.96 6.67
CA GLU A 556 -14.24 -12.57 5.79
CA GLU A 556 -14.34 -12.57 5.68
C GLU A 556 -14.14 -11.06 5.62
N PHE A 557 -14.55 -10.33 6.67
CA PHE A 557 -14.55 -8.86 6.67
C PHE A 557 -15.30 -8.40 5.40
N SER A 558 -16.57 -8.78 5.31
CA SER A 558 -17.33 -8.64 4.06
C SER A 558 -17.61 -7.18 3.66
N ALA A 559 -17.42 -6.24 4.58
CA ALA A 559 -17.52 -4.79 4.28
C ALA A 559 -16.54 -4.05 5.19
N PRO A 560 -15.97 -2.93 4.71
CA PRO A 560 -14.94 -2.23 5.49
C PRO A 560 -15.57 -1.37 6.59
N VAL A 561 -16.00 -2.01 7.68
CA VAL A 561 -16.80 -1.34 8.70
C VAL A 561 -16.32 -1.75 10.09
N LYS A 562 -16.66 -0.93 11.09
CA LYS A 562 -16.45 -1.29 12.50
C LYS A 562 -17.68 -2.05 12.95
N LEU A 563 -17.49 -3.18 13.62
CA LEU A 563 -18.64 -3.97 14.06
C LEU A 563 -18.87 -3.76 15.56
N GLU A 564 -20.12 -3.45 15.94
CA GLU A 564 -20.45 -3.35 17.37
C GLU A 564 -21.45 -4.45 17.69
N TYR A 565 -21.00 -5.46 18.43
CA TYR A 565 -21.89 -6.55 18.87
C TYR A 565 -21.40 -6.94 20.26
N LYS A 566 -22.33 -7.21 21.17
CA LYS A 566 -21.99 -7.54 22.56
C LYS A 566 -21.66 -9.04 22.72
N TRP A 567 -20.47 -9.42 22.25
CA TRP A 567 -19.94 -10.76 22.37
C TRP A 567 -19.77 -11.17 23.84
N SER A 568 -20.00 -12.43 24.16
CA SER A 568 -19.49 -12.98 25.43
C SER A 568 -18.12 -13.59 25.12
N ASP A 569 -17.27 -13.77 26.13
CA ASP A 569 -15.98 -14.43 25.94
C ASP A 569 -16.17 -15.85 25.40
N GLN A 570 -17.19 -16.55 25.90
CA GLN A 570 -17.43 -17.94 25.50
C GLN A 570 -17.88 -18.07 24.03
N GLN A 571 -18.70 -17.13 23.55
CA GLN A 571 -19.06 -17.10 22.12
C GLN A 571 -17.80 -16.99 21.26
N LEU A 572 -16.90 -16.09 21.66
CA LEU A 572 -15.63 -15.91 20.95
C LEU A 572 -14.70 -17.12 20.99
N THR A 573 -14.52 -17.74 22.16
CA THR A 573 -13.67 -18.95 22.19
C THR A 573 -14.32 -20.12 21.44
N PHE A 574 -15.64 -20.17 21.44
CA PHE A 574 -16.38 -21.15 20.64
C PHE A 574 -16.05 -20.97 19.15
N LEU A 575 -16.11 -19.73 18.66
CA LEU A 575 -15.76 -19.45 17.25
C LEU A 575 -14.30 -19.78 16.94
N MET A 576 -13.39 -19.49 17.87
CA MET A 576 -11.98 -19.83 17.69
C MET A 576 -11.81 -21.33 17.47
N ARG A 577 -12.67 -22.12 18.12
CA ARG A 577 -12.67 -23.57 18.03
CA ARG A 577 -12.61 -23.56 17.97
C ARG A 577 -13.41 -24.07 16.78
N HIS A 578 -14.58 -23.49 16.52
CA HIS A 578 -15.55 -24.06 15.57
C HIS A 578 -15.77 -23.37 14.23
N ALA A 579 -15.37 -22.10 14.09
CA ALA A 579 -15.75 -21.36 12.89
C ALA A 579 -15.16 -22.03 11.65
N ARG A 580 -15.98 -22.14 10.61
CA ARG A 580 -15.59 -22.84 9.37
C ARG A 580 -14.45 -22.18 8.61
N ASN A 581 -14.48 -20.85 8.49
CA ASN A 581 -13.41 -20.13 7.80
C ASN A 581 -12.32 -19.72 8.78
N ASP A 582 -11.08 -19.92 8.37
CA ASP A 582 -9.95 -19.58 9.21
C ASP A 582 -9.95 -18.11 9.59
N PHE A 583 -10.42 -17.24 8.68
CA PHE A 583 -10.48 -15.82 9.04
C PHE A 583 -11.35 -15.56 10.29
N SER A 584 -12.50 -16.23 10.36
CA SER A 584 -13.43 -16.05 11.49
C SER A 584 -12.81 -16.46 12.81
N ARG A 585 -11.99 -17.50 12.77
CA ARG A 585 -11.31 -17.98 13.98
C ARG A 585 -10.32 -16.93 14.49
N TRP A 586 -9.55 -16.36 13.56
CA TRP A 586 -8.61 -15.30 13.90
C TRP A 586 -9.35 -14.07 14.40
N ASP A 587 -10.42 -13.69 13.70
CA ASP A 587 -11.17 -12.47 13.98
C ASP A 587 -11.82 -12.57 15.38
N ALA A 588 -12.32 -13.76 15.73
CA ALA A 588 -12.90 -13.97 17.08
C ALA A 588 -11.85 -13.75 18.16
N ALA A 589 -10.64 -14.24 17.92
CA ALA A 589 -9.51 -14.01 18.82
C ALA A 589 -9.20 -12.53 18.96
N GLN A 590 -9.32 -11.78 17.87
CA GLN A 590 -9.09 -10.33 17.92
C GLN A 590 -10.13 -9.64 18.79
N SER A 591 -11.39 -10.07 18.66
CA SER A 591 -12.46 -9.49 19.44
C SER A 591 -12.26 -9.84 20.92
N LEU A 592 -11.79 -11.06 21.17
CA LEU A 592 -11.54 -11.48 22.57
C LEU A 592 -10.44 -10.60 23.19
N LEU A 593 -9.36 -10.41 22.42
CA LEU A 593 -8.24 -9.59 22.88
CA LEU A 593 -8.24 -9.60 22.91
C LEU A 593 -8.61 -8.13 23.09
N ALA A 594 -9.42 -7.58 22.18
CA ALA A 594 -9.81 -6.16 22.24
C ALA A 594 -10.35 -5.80 23.63
N THR A 595 -11.24 -6.64 24.15
CA THR A 595 -11.85 -6.40 25.47
C THR A 595 -10.79 -6.22 26.55
N TYR A 596 -9.76 -7.08 26.52
CA TYR A 596 -8.71 -7.08 27.55
C TYR A 596 -7.60 -6.08 27.30
N ILE A 597 -7.39 -5.72 26.03
CA ILE A 597 -6.54 -4.58 25.72
C ILE A 597 -7.13 -3.29 26.28
N LYS A 598 -8.42 -3.06 26.06
CA LYS A 598 -9.10 -1.87 26.57
C LYS A 598 -9.08 -1.88 28.09
N LEU A 599 -9.41 -3.03 28.68
CA LEU A 599 -9.37 -3.18 30.16
C LEU A 599 -8.00 -2.74 30.70
N ASN A 600 -6.94 -3.31 30.13
CA ASN A 600 -5.59 -3.11 30.65
C ASN A 600 -4.95 -1.75 30.35
N VAL A 601 -5.37 -1.10 29.26
CA VAL A 601 -4.99 0.32 29.07
C VAL A 601 -5.61 1.24 30.15
N ALA A 602 -6.89 1.06 30.45
CA ALA A 602 -7.52 1.81 31.54
C ALA A 602 -6.79 1.55 32.87
N ARG A 603 -6.41 0.30 33.11
CA ARG A 603 -5.66 -0.10 34.31
C ARG A 603 -4.29 0.57 34.36
N HIS A 604 -3.57 0.52 33.23
CA HIS A 604 -2.27 1.20 33.11
C HIS A 604 -2.35 2.68 33.53
N GLN A 605 -3.38 3.37 33.05
CA GLN A 605 -3.61 4.77 33.37
C GLN A 605 -3.85 5.01 34.86
N GLN A 606 -4.30 3.98 35.58
CA GLN A 606 -4.50 4.07 37.03
C GLN A 606 -3.32 3.46 37.82
N GLY A 607 -2.24 3.14 37.13
CA GLY A 607 -1.06 2.54 37.75
C GLY A 607 -1.21 1.11 38.23
N GLN A 608 -2.13 0.36 37.60
CA GLN A 608 -2.39 -1.01 38.01
CA GLN A 608 -2.42 -1.01 38.02
C GLN A 608 -1.85 -2.02 37.01
N PRO A 609 -1.44 -3.21 37.50
CA PRO A 609 -0.80 -4.17 36.59
C PRO A 609 -1.83 -4.93 35.75
N LEU A 610 -1.32 -5.66 34.77
CA LEU A 610 -2.20 -6.41 33.86
C LEU A 610 -3.11 -7.40 34.59
N SER A 611 -4.36 -7.47 34.13
CA SER A 611 -5.35 -8.42 34.63
C SER A 611 -5.92 -9.15 33.42
N LEU A 612 -5.97 -10.47 33.50
CA LEU A 612 -6.46 -11.29 32.37
C LEU A 612 -7.09 -12.56 32.93
N PRO A 613 -8.36 -12.80 32.59
CA PRO A 613 -8.99 -14.01 33.10
C PRO A 613 -8.26 -15.27 32.65
N VAL A 614 -8.23 -16.29 33.50
CA VAL A 614 -7.61 -17.57 33.18
C VAL A 614 -8.14 -18.15 31.85
N HIS A 615 -9.44 -18.07 31.63
CA HIS A 615 -10.04 -18.68 30.42
C HIS A 615 -9.56 -18.04 29.11
N VAL A 616 -9.07 -16.80 29.18
CA VAL A 616 -8.46 -16.15 28.01
C VAL A 616 -7.10 -16.76 27.65
N ALA A 617 -6.19 -16.85 28.63
CA ALA A 617 -4.92 -17.53 28.43
C ALA A 617 -5.16 -18.96 27.90
N ASP A 618 -6.18 -19.63 28.44
CA ASP A 618 -6.53 -20.98 28.04
C ASP A 618 -6.89 -21.11 26.56
N ALA A 619 -7.59 -20.11 26.00
CA ALA A 619 -7.94 -20.13 24.57
C ALA A 619 -6.68 -20.14 23.69
N PHE A 620 -5.68 -19.36 24.10
CA PHE A 620 -4.43 -19.32 23.35
C PHE A 620 -3.59 -20.58 23.54
N ARG A 621 -3.62 -21.15 24.74
CA ARG A 621 -3.03 -22.47 24.97
C ARG A 621 -3.61 -23.52 24.00
N ALA A 622 -4.94 -23.54 23.89
CA ALA A 622 -5.64 -24.49 23.02
C ALA A 622 -5.19 -24.35 21.56
N VAL A 623 -5.00 -23.11 21.12
CA VAL A 623 -4.51 -22.84 19.75
C VAL A 623 -3.10 -23.42 19.57
N LEU A 624 -2.23 -23.18 20.55
CA LEU A 624 -0.87 -23.71 20.51
C LEU A 624 -0.84 -25.22 20.41
N LEU A 625 -1.72 -25.88 21.17
CA LEU A 625 -1.70 -27.33 21.25
C LEU A 625 -2.59 -28.05 20.23
N ASP A 626 -3.39 -27.32 19.48
CA ASP A 626 -4.30 -27.93 18.52
C ASP A 626 -3.52 -28.51 17.35
N GLU A 627 -3.56 -29.83 17.20
CA GLU A 627 -2.85 -30.49 16.10
C GLU A 627 -3.50 -30.29 14.73
N LYS A 628 -4.80 -30.02 14.70
CA LYS A 628 -5.52 -29.92 13.44
C LYS A 628 -5.42 -28.54 12.77
N ILE A 629 -5.13 -27.51 13.55
CA ILE A 629 -5.13 -26.13 13.04
C ILE A 629 -3.94 -25.88 12.09
N ASP A 630 -4.22 -25.22 10.98
CA ASP A 630 -3.17 -24.82 10.01
C ASP A 630 -2.16 -23.94 10.74
N PRO A 631 -0.85 -24.31 10.71
CA PRO A 631 0.15 -23.48 11.40
C PRO A 631 0.12 -22.01 10.95
N ALA A 632 -0.26 -21.75 9.68
CA ALA A 632 -0.38 -20.39 9.16
C ALA A 632 -1.42 -19.59 9.96
N LEU A 633 -2.54 -20.25 10.28
CA LEU A 633 -3.58 -19.63 11.10
C LEU A 633 -3.13 -19.47 12.55
N ALA A 634 -2.59 -20.54 13.13
CA ALA A 634 -2.06 -20.49 14.50
C ALA A 634 -1.09 -19.33 14.65
N ALA A 635 -0.18 -19.15 13.70
CA ALA A 635 0.81 -18.09 13.76
C ALA A 635 0.15 -16.72 13.86
N GLU A 636 -0.92 -16.49 13.09
CA GLU A 636 -1.60 -15.17 13.10
C GLU A 636 -2.38 -14.94 14.41
N ILE A 637 -3.03 -15.98 14.89
CA ILE A 637 -3.74 -15.89 16.19
C ILE A 637 -2.72 -15.56 17.31
N LEU A 638 -1.52 -16.12 17.19
CA LEU A 638 -0.43 -15.89 18.16
C LEU A 638 0.43 -14.65 17.90
N THR A 639 -0.01 -13.82 16.95
CA THR A 639 0.61 -12.55 16.70
C THR A 639 -0.35 -11.49 17.24
N LEU A 640 0.06 -10.82 18.32
CA LEU A 640 -0.80 -9.80 18.94
C LEU A 640 -1.02 -8.60 17.99
N PRO A 641 -2.20 -7.95 18.07
CA PRO A 641 -2.43 -6.71 17.31
C PRO A 641 -1.28 -5.75 17.52
N SER A 642 -0.86 -5.03 16.47
CA SER A 642 0.23 -4.07 16.60
C SER A 642 -0.22 -2.87 17.42
N VAL A 643 0.71 -2.03 17.84
CA VAL A 643 0.35 -0.78 18.57
C VAL A 643 -0.58 0.11 17.75
N ASN A 644 -0.47 0.05 16.42
CA ASN A 644 -1.37 0.79 15.55
C ASN A 644 -2.79 0.19 15.49
N GLU A 645 -2.88 -1.14 15.43
CA GLU A 645 -4.17 -1.79 15.52
C GLU A 645 -4.82 -1.54 16.91
N MET A 646 -4.01 -1.57 17.96
CA MET A 646 -4.52 -1.31 19.32
C MET A 646 -5.04 0.12 19.44
N ALA A 647 -4.32 1.08 18.87
CA ALA A 647 -4.75 2.49 18.89
C ALA A 647 -6.18 2.70 18.39
N GLU A 648 -6.56 1.92 17.37
CA GLU A 648 -7.88 2.13 16.81
CA GLU A 648 -7.87 1.95 16.73
C GLU A 648 -9.03 1.63 17.69
N LEU A 649 -8.69 0.96 18.79
CA LEU A 649 -9.69 0.58 19.81
C LEU A 649 -10.15 1.77 20.66
N PHE A 650 -9.46 2.91 20.54
CA PHE A 650 -9.63 4.02 21.46
C PHE A 650 -9.96 5.32 20.77
N ASP A 651 -10.87 6.11 21.34
CA ASP A 651 -11.14 7.46 20.82
C ASP A 651 -9.92 8.35 21.01
N ILE A 652 -9.45 8.42 22.24
CA ILE A 652 -8.23 9.14 22.56
C ILE A 652 -7.11 8.14 22.82
N ILE A 653 -6.03 8.26 22.04
CA ILE A 653 -4.95 7.28 22.10
C ILE A 653 -3.96 7.62 23.20
N ASP A 654 -3.70 6.64 24.08
CA ASP A 654 -2.58 6.74 25.02
C ASP A 654 -1.47 5.83 24.53
N PRO A 655 -0.48 6.38 23.79
CA PRO A 655 0.51 5.51 23.11
C PRO A 655 1.49 4.84 24.08
N ILE A 656 1.74 5.49 25.21
CA ILE A 656 2.57 4.86 26.24
C ILE A 656 1.86 3.68 26.89
N ALA A 657 0.61 3.88 27.35
CA ALA A 657 -0.21 2.78 27.89
C ALA A 657 -0.33 1.63 26.89
N ILE A 658 -0.59 1.95 25.63
CA ILE A 658 -0.72 0.89 24.62
C ILE A 658 0.57 0.07 24.50
N ALA A 659 1.71 0.74 24.42
CA ALA A 659 2.98 0.05 24.24
C ALA A 659 3.30 -0.83 25.45
N GLU A 660 3.04 -0.30 26.64
CA GLU A 660 3.38 -1.02 27.85
CA GLU A 660 3.34 -1.00 27.89
C GLU A 660 2.41 -2.18 28.10
N VAL A 661 1.15 -2.00 27.72
CA VAL A 661 0.16 -3.07 27.82
C VAL A 661 0.51 -4.20 26.82
N ARG A 662 0.90 -3.83 25.60
CA ARG A 662 1.29 -4.85 24.63
C ARG A 662 2.44 -5.71 25.17
N GLU A 663 3.44 -5.05 25.76
CA GLU A 663 4.57 -5.77 26.35
C GLU A 663 4.12 -6.66 27.53
N ALA A 664 3.29 -6.10 28.40
CA ALA A 664 2.81 -6.83 29.60
C ALA A 664 1.98 -8.05 29.22
N LEU A 665 1.16 -7.89 28.18
CA LEU A 665 0.35 -8.99 27.67
C LEU A 665 1.26 -10.08 27.08
N THR A 666 2.29 -9.66 26.36
CA THR A 666 3.27 -10.58 25.81
C THR A 666 4.00 -11.34 26.94
N ARG A 667 4.40 -10.62 27.99
CA ARG A 667 5.10 -11.24 29.14
C ARG A 667 4.20 -12.22 29.89
N THR A 668 2.93 -11.83 30.09
CA THR A 668 1.97 -12.69 30.79
C THR A 668 1.72 -13.99 30.04
N LEU A 669 1.51 -13.89 28.73
CA LEU A 669 1.31 -15.08 27.92
C LEU A 669 2.58 -15.92 27.85
N ALA A 670 3.75 -15.28 27.78
CA ALA A 670 5.02 -15.99 27.79
C ALA A 670 5.16 -16.83 29.06
N THR A 671 4.77 -16.26 30.20
CA THR A 671 4.84 -16.99 31.48
C THR A 671 3.80 -18.11 31.55
N GLU A 672 2.54 -17.79 31.24
CA GLU A 672 1.48 -18.79 31.33
C GLU A 672 1.68 -19.95 30.36
N LEU A 673 2.27 -19.67 29.20
CA LEU A 673 2.35 -20.65 28.10
C LEU A 673 3.76 -21.16 27.84
N ALA A 674 4.67 -20.94 28.79
CA ALA A 674 6.10 -21.15 28.57
C ALA A 674 6.47 -22.52 28.02
N ASP A 675 5.90 -23.58 28.61
CA ASP A 675 6.23 -24.96 28.20
C ASP A 675 5.71 -25.26 26.80
N GLU A 676 4.46 -24.85 26.55
CA GLU A 676 3.79 -25.06 25.27
C GLU A 676 4.51 -24.29 24.17
N LEU A 677 4.87 -23.03 24.45
CA LEU A 677 5.61 -22.21 23.48
C LEU A 677 6.93 -22.87 23.08
N LEU A 678 7.66 -23.40 24.05
CA LEU A 678 8.94 -24.04 23.73
C LEU A 678 8.73 -25.32 22.91
N ALA A 679 7.69 -26.09 23.25
CA ALA A 679 7.40 -27.34 22.54
C ALA A 679 7.10 -27.05 21.06
N ILE A 680 6.26 -26.05 20.83
CA ILE A 680 5.84 -25.70 19.47
C ILE A 680 6.99 -25.04 18.69
N TYR A 681 7.78 -24.21 19.37
CA TYR A 681 9.00 -23.67 18.79
C TYR A 681 9.89 -24.80 18.26
N ASN A 682 10.19 -25.77 19.11
CA ASN A 682 11.03 -26.90 18.72
C ASN A 682 10.43 -27.78 17.64
N ALA A 683 9.12 -28.04 17.73
CA ALA A 683 8.42 -28.92 16.78
C ALA A 683 8.43 -28.37 15.35
N ASN A 684 8.58 -27.06 15.22
CA ASN A 684 8.49 -26.41 13.92
C ASN A 684 9.84 -26.04 13.33
N TYR A 685 10.91 -26.53 13.96
CA TYR A 685 12.25 -26.44 13.38
C TYR A 685 12.28 -27.03 11.96
N GLN A 686 12.95 -26.32 11.06
CA GLN A 686 13.13 -26.78 9.67
C GLN A 686 14.60 -26.63 9.29
N SER A 687 15.28 -27.73 8.97
CA SER A 687 16.69 -27.62 8.61
C SER A 687 16.87 -27.02 7.21
N GLU A 688 16.01 -27.38 6.26
CA GLU A 688 16.03 -26.80 4.92
C GLU A 688 15.28 -25.48 4.94
N TYR A 689 15.82 -24.47 4.26
CA TYR A 689 15.07 -23.24 3.99
C TYR A 689 14.44 -23.26 2.58
N ARG A 690 13.12 -23.13 2.55
CA ARG A 690 12.36 -23.05 1.30
C ARG A 690 11.42 -21.85 1.33
N VAL A 691 11.34 -21.15 0.21
CA VAL A 691 10.32 -20.12 0.00
C VAL A 691 9.08 -20.84 -0.57
N GLU A 692 8.41 -21.58 0.30
CA GLU A 692 7.26 -22.39 -0.06
C GLU A 692 6.23 -22.22 1.07
N HIS A 693 4.95 -22.15 0.70
CA HIS A 693 3.94 -21.68 1.65
C HIS A 693 3.81 -22.53 2.90
N GLU A 694 3.88 -23.85 2.76
CA GLU A 694 3.86 -24.69 3.98
C GLU A 694 5.04 -24.43 4.91
N ASP A 695 6.23 -24.28 4.36
CA ASP A 695 7.42 -23.98 5.14
C ASP A 695 7.36 -22.59 5.78
N ILE A 696 6.87 -21.62 5.01
CA ILE A 696 6.73 -20.26 5.51
C ILE A 696 5.78 -20.26 6.70
N ALA A 697 4.69 -21.02 6.60
CA ALA A 697 3.70 -21.10 7.68
C ALA A 697 4.30 -21.65 8.98
N LYS A 698 5.01 -22.77 8.87
CA LYS A 698 5.72 -23.34 10.04
C LYS A 698 6.73 -22.38 10.66
N ARG A 699 7.47 -21.67 9.82
CA ARG A 699 8.48 -20.72 10.26
C ARG A 699 7.82 -19.50 10.94
N THR A 700 6.68 -19.06 10.39
CA THR A 700 5.94 -17.92 10.96
C THR A 700 5.43 -18.29 12.36
N LEU A 701 4.95 -19.52 12.50
CA LEU A 701 4.54 -20.02 13.82
C LEU A 701 5.70 -20.16 14.81
N ARG A 702 6.81 -20.75 14.35
CA ARG A 702 7.97 -20.91 15.18
C ARG A 702 8.46 -19.55 15.68
N ASN A 703 8.53 -18.57 14.80
CA ASN A 703 8.97 -17.23 15.20
C ASN A 703 7.93 -16.47 16.05
N ALA A 704 6.65 -16.79 15.89
CA ALA A 704 5.63 -16.19 16.77
C ALA A 704 5.87 -16.71 18.19
N CYS A 705 6.16 -18.01 18.30
CA CYS A 705 6.54 -18.62 19.59
C CYS A 705 7.83 -18.01 20.17
N LEU A 706 8.83 -17.80 19.30
CA LEU A 706 10.08 -17.17 19.75
C LEU A 706 9.84 -15.79 20.37
N ARG A 707 8.93 -15.02 19.76
CA ARG A 707 8.64 -13.68 20.24
C ARG A 707 8.20 -13.70 21.71
N PHE A 708 7.29 -14.60 22.04
CA PHE A 708 6.85 -14.75 23.44
C PHE A 708 8.02 -15.26 24.31
N LEU A 709 8.72 -16.29 23.82
CA LEU A 709 9.84 -16.87 24.56
C LEU A 709 10.93 -15.84 24.91
N ALA A 710 11.10 -14.83 24.06
CA ALA A 710 12.05 -13.74 24.32
C ALA A 710 11.67 -12.93 25.56
N PHE A 711 10.39 -12.95 25.88
CA PHE A 711 9.82 -12.15 26.97
C PHE A 711 9.57 -13.01 28.21
N GLY A 712 10.14 -14.21 28.23
CA GLY A 712 10.05 -15.10 29.38
C GLY A 712 11.30 -14.98 30.24
N GLU A 713 11.62 -16.06 30.96
CA GLU A 713 12.79 -16.07 31.84
C GLU A 713 14.03 -15.65 31.05
N THR A 714 14.77 -14.69 31.61
CA THR A 714 15.80 -13.93 30.89
C THR A 714 16.96 -14.77 30.36
N HIS A 715 17.49 -15.67 31.18
CA HIS A 715 18.61 -16.48 30.73
C HIS A 715 18.23 -17.41 29.59
N LEU A 716 17.10 -18.12 29.71
CA LEU A 716 16.61 -19.00 28.64
C LEU A 716 16.31 -18.17 27.38
N ALA A 717 15.66 -17.03 27.57
CA ALA A 717 15.38 -16.10 26.46
C ALA A 717 16.65 -15.71 25.72
N ASP A 718 17.66 -15.26 26.47
CA ASP A 718 18.92 -14.80 25.88
C ASP A 718 19.61 -15.93 25.10
N VAL A 719 19.53 -17.15 25.63
CA VAL A 719 20.18 -18.31 25.00
C VAL A 719 19.45 -18.68 23.72
N LEU A 720 18.13 -18.76 23.78
CA LEU A 720 17.31 -19.13 22.63
CA LEU A 720 17.33 -19.13 22.61
C LEU A 720 17.52 -18.13 21.48
N VAL A 721 17.44 -16.84 21.81
CA VAL A 721 17.54 -15.78 20.82
C VAL A 721 18.94 -15.69 20.17
N SER A 722 19.99 -15.65 20.99
CA SER A 722 21.36 -15.60 20.48
CA SER A 722 21.36 -15.59 20.46
C SER A 722 21.68 -16.82 19.61
N LYS A 723 21.25 -17.99 20.07
CA LYS A 723 21.46 -19.24 19.34
C LYS A 723 20.77 -19.16 17.97
N GLN A 724 19.52 -18.74 17.94
CA GLN A 724 18.83 -18.64 16.65
C GLN A 724 19.48 -17.63 15.70
N PHE A 725 19.89 -16.47 16.21
CA PHE A 725 20.58 -15.47 15.38
C PHE A 725 21.82 -16.07 14.75
N HIS A 726 22.61 -16.78 15.55
CA HIS A 726 23.88 -17.35 15.08
C HIS A 726 23.73 -18.61 14.22
N GLU A 727 22.71 -19.42 14.48
CA GLU A 727 22.54 -20.66 13.74
C GLU A 727 21.61 -20.53 12.52
N ALA A 728 20.92 -19.41 12.42
CA ALA A 728 20.00 -19.17 11.29
C ALA A 728 20.69 -19.42 9.95
N ASN A 729 20.02 -20.16 9.06
CA ASN A 729 20.50 -20.32 7.70
C ASN A 729 19.74 -19.47 6.67
N ASN A 730 19.02 -18.45 7.15
CA ASN A 730 18.23 -17.58 6.31
C ASN A 730 17.92 -16.30 7.10
N MET A 731 17.67 -15.21 6.39
CA MET A 731 17.44 -13.91 7.04
C MET A 731 16.12 -13.86 7.84
N THR A 732 15.13 -14.68 7.48
CA THR A 732 13.85 -14.64 8.23
C THR A 732 14.12 -14.99 9.71
N ASP A 733 14.85 -16.09 9.91
CA ASP A 733 15.15 -16.56 11.25
C ASP A 733 16.16 -15.67 11.97
N ALA A 734 17.14 -15.16 11.24
CA ALA A 734 18.14 -14.26 11.84
C ALA A 734 17.48 -12.96 12.32
N LEU A 735 16.65 -12.37 11.45
CA LEU A 735 15.98 -11.12 11.80
C LEU A 735 14.94 -11.32 12.92
N ALA A 736 14.23 -12.45 12.94
CA ALA A 736 13.25 -12.70 14.00
C ALA A 736 13.95 -12.72 15.37
N ALA A 737 15.11 -13.37 15.41
CA ALA A 737 15.94 -13.39 16.63
C ALA A 737 16.43 -11.98 16.98
N LEU A 738 17.00 -11.26 16.03
CA LEU A 738 17.49 -9.91 16.31
C LEU A 738 16.38 -8.98 16.79
N SER A 739 15.24 -9.04 16.11
CA SER A 739 14.07 -8.25 16.48
C SER A 739 13.62 -8.56 17.92
N ALA A 740 13.58 -9.85 18.30
CA ALA A 740 13.21 -10.27 19.66
C ALA A 740 14.21 -9.75 20.72
N ALA A 741 15.50 -9.77 20.38
CA ALA A 741 16.54 -9.26 21.28
C ALA A 741 16.34 -7.77 21.56
N VAL A 742 16.02 -7.01 20.51
CA VAL A 742 15.74 -5.58 20.67
C VAL A 742 14.44 -5.36 21.49
N ALA A 743 13.40 -6.08 21.13
CA ALA A 743 12.07 -5.88 21.72
C ALA A 743 12.07 -6.16 23.23
N ALA A 744 12.76 -7.24 23.61
CA ALA A 744 12.79 -7.68 25.01
C ALA A 744 14.02 -7.13 25.74
N GLN A 745 14.80 -6.30 25.06
CA GLN A 745 16.02 -5.68 25.63
C GLN A 745 16.92 -6.73 26.29
N LEU A 746 17.17 -7.82 25.56
CA LEU A 746 17.94 -8.93 26.11
C LEU A 746 19.42 -8.60 26.20
N PRO A 747 20.13 -9.29 27.12
CA PRO A 747 21.57 -9.07 27.26
C PRO A 747 22.34 -9.11 25.94
N CYS A 748 22.04 -10.06 25.05
CA CYS A 748 22.78 -10.22 23.80
C CYS A 748 22.53 -9.11 22.77
N ARG A 749 21.57 -8.23 23.04
CA ARG A 749 21.11 -7.26 22.03
C ARG A 749 22.24 -6.46 21.37
N ASP A 750 23.04 -5.76 22.17
CA ASP A 750 24.08 -4.90 21.59
C ASP A 750 25.09 -5.67 20.75
N ALA A 751 25.47 -6.86 21.22
CA ALA A 751 26.43 -7.68 20.49
C ALA A 751 25.84 -8.09 19.13
N LEU A 752 24.60 -8.59 19.14
CA LEU A 752 23.96 -9.01 17.87
C LEU A 752 23.75 -7.85 16.89
N MET A 753 23.37 -6.69 17.40
CA MET A 753 23.15 -5.50 16.58
C MET A 753 24.47 -5.04 15.95
N GLN A 754 25.55 -5.09 16.73
CA GLN A 754 26.86 -4.75 16.20
C GLN A 754 27.31 -5.77 15.14
N GLU A 755 27.07 -7.04 15.41
CA GLU A 755 27.41 -8.10 14.45
C GLU A 755 26.74 -7.88 13.10
N TYR A 756 25.45 -7.53 13.14
CA TYR A 756 24.68 -7.28 11.92
C TYR A 756 25.23 -6.08 11.16
N ASP A 757 25.46 -4.97 11.87
CA ASP A 757 26.07 -3.78 11.30
C ASP A 757 27.41 -4.13 10.59
N ASP A 758 28.32 -4.77 11.33
CA ASP A 758 29.61 -5.17 10.75
C ASP A 758 29.50 -6.06 9.51
N LYS A 759 28.55 -6.97 9.50
CA LYS A 759 28.36 -7.87 8.35
C LYS A 759 27.70 -7.15 7.16
N TRP A 760 26.72 -6.29 7.44
CA TRP A 760 25.80 -5.84 6.39
C TRP A 760 25.82 -4.36 6.04
N HIS A 761 26.66 -3.56 6.69
CA HIS A 761 26.63 -2.09 6.50
C HIS A 761 26.72 -1.58 5.05
N GLN A 762 27.37 -2.36 4.17
CA GLN A 762 27.52 -2.05 2.75
CA GLN A 762 27.50 -1.96 2.77
C GLN A 762 26.22 -2.23 1.96
N ASN A 763 25.24 -2.89 2.58
CA ASN A 763 23.99 -3.25 1.90
C ASN A 763 22.78 -2.47 2.43
N GLY A 764 22.39 -1.43 1.70
CA GLY A 764 21.35 -0.52 2.20
C GLY A 764 20.03 -1.21 2.49
N LEU A 765 19.61 -2.12 1.60
CA LEU A 765 18.34 -2.81 1.81
C LEU A 765 18.33 -3.69 3.06
N VAL A 766 19.46 -4.33 3.32
CA VAL A 766 19.59 -5.16 4.51
C VAL A 766 19.67 -4.27 5.76
N MET A 767 20.38 -3.15 5.63
CA MET A 767 20.49 -2.21 6.77
C MET A 767 19.15 -1.53 7.10
N ASP A 768 18.27 -1.39 6.11
CA ASP A 768 16.93 -0.85 6.41
C ASP A 768 16.26 -1.63 7.53
N LYS A 769 16.44 -2.95 7.52
CA LYS A 769 15.82 -3.79 8.58
C LYS A 769 16.34 -3.40 9.97
N TRP A 770 17.63 -3.09 10.02
CA TRP A 770 18.36 -2.76 11.26
C TRP A 770 17.97 -1.36 11.72
N PHE A 771 17.83 -0.41 10.79
CA PHE A 771 17.37 0.95 11.12
C PHE A 771 15.95 0.90 11.69
N ILE A 772 15.11 0.04 11.10
CA ILE A 772 13.75 -0.14 11.62
C ILE A 772 13.77 -0.66 13.06
N LEU A 773 14.62 -1.64 13.33
CA LEU A 773 14.74 -2.15 14.70
C LEU A 773 15.23 -1.07 15.67
N GLN A 774 16.22 -0.28 15.22
CA GLN A 774 16.73 0.82 16.04
C GLN A 774 15.61 1.83 16.34
N ALA A 775 14.88 2.21 15.30
CA ALA A 775 13.81 3.22 15.39
C ALA A 775 12.61 2.81 16.24
N THR A 776 12.32 1.50 16.28
CA THR A 776 11.15 0.98 16.99
C THR A 776 11.53 0.36 18.34
N SER A 777 12.75 0.61 18.79
CA SER A 777 13.26 0.01 20.02
C SER A 777 12.49 0.57 21.24
N PRO A 778 12.19 -0.30 22.22
CA PRO A 778 11.57 0.18 23.47
C PRO A 778 12.56 0.82 24.44
N ALA A 779 13.85 0.85 24.08
CA ALA A 779 14.88 1.41 24.96
C ALA A 779 14.56 2.85 25.36
N ALA A 780 14.86 3.20 26.61
CA ALA A 780 14.62 4.56 27.11
C ALA A 780 15.34 5.63 26.27
N ASN A 781 16.49 5.28 25.73
CA ASN A 781 17.31 6.23 24.97
C ASN A 781 17.13 6.14 23.45
N VAL A 782 15.99 5.62 23.01
CA VAL A 782 15.77 5.41 21.56
C VAL A 782 15.97 6.68 20.69
N LEU A 783 15.43 7.82 21.11
CA LEU A 783 15.58 9.04 20.29
C LEU A 783 17.03 9.46 20.13
N GLU A 784 17.78 9.43 21.24
CA GLU A 784 19.21 9.68 21.21
C GLU A 784 19.90 8.80 20.17
N THR A 785 19.57 7.50 20.20
CA THR A 785 20.18 6.54 19.28
C THR A 785 19.82 6.87 17.82
N VAL A 786 18.53 7.14 17.59
CA VAL A 786 18.02 7.51 16.26
C VAL A 786 18.71 8.77 15.73
N ARG A 787 18.78 9.83 16.53
CA ARG A 787 19.51 11.02 16.11
C ARG A 787 20.97 10.73 15.73
N GLY A 788 21.63 9.92 16.56
CA GLY A 788 23.02 9.54 16.29
C GLY A 788 23.16 8.79 14.97
N LEU A 789 22.16 7.97 14.65
CA LEU A 789 22.16 7.20 13.40
C LEU A 789 22.02 8.03 12.13
N LEU A 790 21.66 9.30 12.25
CA LEU A 790 21.70 10.21 11.10
C LEU A 790 23.13 10.33 10.53
N GLN A 791 24.13 10.00 11.35
CA GLN A 791 25.53 10.00 10.96
C GLN A 791 26.07 8.62 10.61
N HIS A 792 25.20 7.61 10.63
CA HIS A 792 25.64 6.24 10.42
C HIS A 792 26.15 6.07 8.99
N ARG A 793 27.20 5.26 8.85
CA ARG A 793 27.81 4.93 7.54
C ARG A 793 26.80 4.45 6.50
N SER A 794 25.72 3.81 6.94
CA SER A 794 24.72 3.24 6.02
C SER A 794 23.52 4.14 5.80
N PHE A 795 23.46 5.26 6.52
CA PHE A 795 22.32 6.19 6.37
C PHE A 795 22.62 7.36 5.45
N THR A 796 21.63 7.80 4.68
CA THR A 796 21.75 9.07 3.96
C THR A 796 20.39 9.70 3.72
N MET A 797 20.31 11.01 3.90
CA MET A 797 19.09 11.77 3.65
C MET A 797 18.74 11.80 2.16
N SER A 798 19.69 11.39 1.32
CA SER A 798 19.46 11.39 -0.13
C SER A 798 18.66 10.16 -0.62
N ASN A 799 18.41 9.20 0.28
CA ASN A 799 17.76 7.96 -0.13
C ASN A 799 16.44 7.73 0.63
N PRO A 800 15.31 7.75 -0.10
CA PRO A 800 13.99 7.56 0.51
C PRO A 800 13.87 6.30 1.35
N ASN A 801 14.49 5.19 0.92
CA ASN A 801 14.40 3.96 1.70
C ASN A 801 15.04 4.14 3.06
N ARG A 802 16.22 4.77 3.09
CA ARG A 802 16.91 4.99 4.38
C ARG A 802 16.07 5.90 5.28
N ILE A 803 15.54 6.97 4.68
CA ILE A 803 14.74 7.96 5.40
C ILE A 803 13.53 7.28 6.05
N ARG A 804 12.85 6.42 5.27
CA ARG A 804 11.65 5.75 5.76
C ARG A 804 11.96 4.73 6.84
N SER A 805 13.11 4.06 6.71
CA SER A 805 13.50 2.99 7.64
CA SER A 805 13.48 2.99 7.65
C SER A 805 13.97 3.50 9.00
N LEU A 806 14.53 4.72 9.02
CA LEU A 806 15.02 5.31 10.28
C LEU A 806 14.03 6.32 10.83
N ILE A 807 13.78 7.38 10.07
CA ILE A 807 12.93 8.48 10.53
C ILE A 807 11.45 8.09 10.48
N GLY A 808 11.00 7.56 9.33
CA GLY A 808 9.59 7.17 9.20
C GLY A 808 9.18 6.12 10.22
N ALA A 809 10.06 5.14 10.45
CA ALA A 809 9.75 4.06 11.38
C ALA A 809 9.65 4.61 12.82
N PHE A 810 10.51 5.56 13.16
CA PHE A 810 10.45 6.17 14.50
C PHE A 810 9.08 6.86 14.70
N ALA A 811 8.75 7.78 13.80
CA ALA A 811 7.53 8.60 13.96
C ALA A 811 6.26 7.78 13.80
N GLY A 812 6.24 6.85 12.86
CA GLY A 812 5.04 6.09 12.53
C GLY A 812 4.87 4.78 13.29
N SER A 813 5.98 4.13 13.62
CA SER A 813 5.94 2.80 14.21
C SER A 813 6.47 2.72 15.63
N ASN A 814 6.92 3.84 16.17
CA ASN A 814 7.25 3.95 17.59
C ASN A 814 6.43 5.09 18.24
N PRO A 815 5.08 5.00 18.18
CA PRO A 815 4.30 6.12 18.75
C PRO A 815 4.61 6.40 20.23
N ALA A 816 4.96 5.39 21.02
CA ALA A 816 5.33 5.65 22.43
C ALA A 816 6.51 6.62 22.59
N ALA A 817 7.54 6.47 21.75
CA ALA A 817 8.68 7.36 21.76
C ALA A 817 8.39 8.65 21.01
N PHE A 818 7.70 8.54 19.87
CA PHE A 818 7.36 9.72 19.09
C PHE A 818 6.51 10.69 19.93
N HIS A 819 5.64 10.10 20.76
CA HIS A 819 4.74 10.86 21.62
C HIS A 819 5.28 10.97 23.05
N ALA A 820 6.60 10.90 23.20
CA ALA A 820 7.24 11.18 24.49
C ALA A 820 6.65 12.47 25.07
N GLU A 821 6.42 12.47 26.38
CA GLU A 821 5.69 13.58 26.99
C GLU A 821 6.43 14.92 26.94
N ASP A 822 7.76 14.88 26.81
CA ASP A 822 8.56 16.12 26.70
C ASP A 822 8.49 16.78 25.32
N GLY A 823 7.79 16.15 24.37
CA GLY A 823 7.66 16.68 23.02
C GLY A 823 8.88 16.53 22.12
N SER A 824 9.89 15.82 22.61
CA SER A 824 11.14 15.62 21.86
C SER A 824 10.95 14.90 20.52
N GLY A 825 9.97 14.00 20.44
CA GLY A 825 9.70 13.30 19.18
C GLY A 825 9.20 14.25 18.11
N TYR A 826 8.31 15.16 18.51
CA TYR A 826 7.77 16.14 17.56
C TYR A 826 8.86 17.07 17.08
N LEU A 827 9.73 17.50 18.00
CA LEU A 827 10.83 18.41 17.66
C LEU A 827 11.79 17.76 16.66
N PHE A 828 12.08 16.48 16.89
CA PHE A 828 12.92 15.72 15.98
C PHE A 828 12.31 15.66 14.57
N LEU A 829 11.01 15.35 14.49
CA LEU A 829 10.37 15.26 13.18
C LEU A 829 10.35 16.63 12.48
N VAL A 830 10.09 17.70 13.23
CA VAL A 830 10.12 19.03 12.63
C VAL A 830 11.47 19.30 11.98
N GLU A 831 12.56 18.98 12.69
CA GLU A 831 13.90 19.12 12.15
CA GLU A 831 13.89 19.13 12.15
C GLU A 831 14.05 18.35 10.83
N MET A 832 13.61 17.09 10.83
CA MET A 832 13.76 16.25 9.62
C MET A 832 12.93 16.80 8.46
N LEU A 833 11.70 17.22 8.77
CA LEU A 833 10.78 17.73 7.73
C LEU A 833 11.21 19.09 7.20
N THR A 834 11.93 19.87 8.01
CA THR A 834 12.48 21.14 7.53
C THR A 834 13.48 20.88 6.38
N ASP A 835 14.29 19.84 6.52
CA ASP A 835 15.18 19.41 5.44
C ASP A 835 14.33 18.86 4.28
N LEU A 836 13.48 17.89 4.56
CA LEU A 836 12.80 17.15 3.48
C LEU A 836 11.79 17.97 2.68
N ASN A 837 11.21 19.00 3.31
CA ASN A 837 10.32 19.91 2.60
C ASN A 837 11.00 20.51 1.38
N SER A 838 12.30 20.79 1.49
CA SER A 838 13.06 21.35 0.38
C SER A 838 13.62 20.26 -0.51
N ARG A 839 14.09 19.18 0.08
CA ARG A 839 14.80 18.11 -0.65
C ARG A 839 13.85 17.22 -1.47
N ASN A 840 12.77 16.77 -0.82
CA ASN A 840 11.93 15.71 -1.37
C ASN A 840 10.56 15.81 -0.70
N PRO A 841 9.71 16.73 -1.19
CA PRO A 841 8.40 16.96 -0.57
C PRO A 841 7.52 15.72 -0.49
N GLN A 842 7.61 14.83 -1.47
CA GLN A 842 6.77 13.61 -1.43
CA GLN A 842 6.78 13.61 -1.45
C GLN A 842 7.10 12.75 -0.21
N VAL A 843 8.38 12.56 0.07
CA VAL A 843 8.80 11.79 1.23
C VAL A 843 8.48 12.58 2.51
N ALA A 844 8.64 13.91 2.46
CA ALA A 844 8.29 14.78 3.60
C ALA A 844 6.81 14.57 3.98
N SER A 845 5.95 14.51 2.95
CA SER A 845 4.52 14.41 3.16
C SER A 845 4.12 13.03 3.68
N ARG A 846 4.85 12.00 3.26
CA ARG A 846 4.66 10.68 3.89
C ARG A 846 4.97 10.75 5.37
N LEU A 847 6.07 11.41 5.72
CA LEU A 847 6.58 11.43 7.10
C LEU A 847 5.81 12.36 8.04
N ILE A 848 5.08 13.33 7.50
CA ILE A 848 4.33 14.24 8.39
C ILE A 848 3.06 13.59 8.94
N GLU A 849 2.65 12.47 8.35
CA GLU A 849 1.36 11.87 8.69
C GLU A 849 1.15 11.70 10.22
N PRO A 850 2.14 11.17 10.96
CA PRO A 850 1.91 10.99 12.41
C PRO A 850 1.56 12.28 13.16
N LEU A 851 2.00 13.43 12.64
CA LEU A 851 1.76 14.70 13.29
C LEU A 851 0.35 15.21 13.05
N ILE A 852 -0.23 14.85 11.91
CA ILE A 852 -1.57 15.36 11.59
C ILE A 852 -2.69 14.60 12.33
N ARG A 853 -2.29 13.58 13.10
CA ARG A 853 -3.21 12.81 13.94
C ARG A 853 -3.45 13.44 15.32
N LEU A 854 -3.06 14.70 15.50
CA LEU A 854 -3.04 15.33 16.83
C LEU A 854 -4.36 15.27 17.60
N LYS A 855 -5.49 15.34 16.90
CA LYS A 855 -6.80 15.35 17.58
C LYS A 855 -7.16 14.03 18.26
N ARG A 856 -6.38 12.98 17.97
CA ARG A 856 -6.56 11.68 18.63
C ARG A 856 -5.87 11.62 19.98
N TYR A 857 -5.12 12.68 20.35
CA TYR A 857 -4.28 12.63 21.54
C TYR A 857 -4.78 13.57 22.64
N ASP A 858 -4.21 13.43 23.83
CA ASP A 858 -4.61 14.26 24.97
C ASP A 858 -4.25 15.74 24.75
N ALA A 859 -4.88 16.63 25.51
CA ALA A 859 -4.72 18.09 25.34
C ALA A 859 -3.28 18.57 25.31
N LYS A 860 -2.47 18.06 26.23
CA LYS A 860 -1.09 18.48 26.36
C LYS A 860 -0.26 18.09 25.12
N ARG A 861 -0.48 16.86 24.63
CA ARG A 861 0.16 16.42 23.39
C ARG A 861 -0.33 17.20 22.18
N GLN A 862 -1.65 17.40 22.08
CA GLN A 862 -2.22 18.23 21.00
C GLN A 862 -1.58 19.60 20.90
N GLU A 863 -1.39 20.26 22.04
CA GLU A 863 -0.79 21.59 21.96
CA GLU A 863 -0.71 21.57 22.14
C GLU A 863 0.66 21.58 21.48
N LYS A 864 1.46 20.60 21.88
CA LYS A 864 2.84 20.47 21.35
CA LYS A 864 2.83 20.48 21.34
C LYS A 864 2.84 20.14 19.85
N MET A 865 1.90 19.28 19.44
CA MET A 865 1.82 18.86 18.02
C MET A 865 1.35 20.01 17.15
N ARG A 866 0.40 20.79 17.70
CA ARG A 866 -0.08 22.00 17.04
C ARG A 866 1.08 22.99 16.86
N ALA A 867 1.89 23.17 17.90
CA ALA A 867 3.07 24.06 17.84
C ALA A 867 4.05 23.62 16.75
N ALA A 868 4.27 22.32 16.65
CA ALA A 868 5.13 21.72 15.63
C ALA A 868 4.63 22.01 14.22
N LEU A 869 3.32 21.79 14.02
CA LEU A 869 2.68 22.05 12.72
C LEU A 869 2.73 23.53 12.36
N GLU A 870 2.52 24.39 13.34
CA GLU A 870 2.61 25.84 13.11
C GLU A 870 4.04 26.25 12.71
N GLN A 871 5.06 25.64 13.31
CA GLN A 871 6.45 25.87 12.88
CA GLN A 871 6.46 25.87 12.89
C GLN A 871 6.66 25.51 11.41
N LEU A 872 6.16 24.33 11.03
CA LEU A 872 6.29 23.89 9.65
C LEU A 872 5.50 24.77 8.70
N LYS A 873 4.30 25.20 9.11
CA LYS A 873 3.45 26.07 8.26
C LYS A 873 4.21 27.36 7.90
N GLY A 874 5.09 27.80 8.79
CA GLY A 874 5.81 29.05 8.58
C GLY A 874 7.08 28.92 7.76
N LEU A 875 7.40 27.72 7.29
CA LEU A 875 8.64 27.49 6.56
C LEU A 875 8.66 28.34 5.30
N GLU A 876 9.81 28.93 5.02
CA GLU A 876 10.06 29.52 3.74
C GLU A 876 9.97 28.40 2.70
N ASN A 877 9.31 28.67 1.58
CA ASN A 877 9.20 27.73 0.47
C ASN A 877 8.51 26.44 0.91
N LEU A 878 7.39 26.58 1.60
CA LEU A 878 6.60 25.43 2.04
C LEU A 878 6.06 24.72 0.81
N SER A 879 6.32 23.42 0.70
CA SER A 879 5.80 22.66 -0.43
C SER A 879 4.26 22.56 -0.38
N GLY A 880 3.64 22.48 -1.56
CA GLY A 880 2.20 22.20 -1.67
C GLY A 880 1.83 20.92 -0.93
N ASP A 881 2.72 19.92 -1.01
CA ASP A 881 2.49 18.61 -0.40
C ASP A 881 2.25 18.78 1.09
N LEU A 882 3.13 19.53 1.76
CA LEU A 882 2.99 19.74 3.21
C LEU A 882 1.90 20.74 3.55
N TYR A 883 1.77 21.76 2.72
CA TYR A 883 0.74 22.79 2.92
C TYR A 883 -0.65 22.17 3.05
N GLU A 884 -0.99 21.27 2.13
CA GLU A 884 -2.30 20.62 2.14
C GLU A 884 -2.57 19.90 3.47
N LYS A 885 -1.60 19.11 3.93
CA LYS A 885 -1.78 18.33 5.15
C LYS A 885 -1.79 19.22 6.39
N ILE A 886 -0.91 20.21 6.42
CA ILE A 886 -0.81 21.10 7.60
C ILE A 886 -2.08 21.91 7.79
N THR A 887 -2.59 22.51 6.70
CA THR A 887 -3.81 23.31 6.80
CA THR A 887 -3.83 23.30 6.70
C THR A 887 -5.00 22.50 7.26
N LYS A 888 -5.16 21.27 6.76
CA LYS A 888 -6.24 20.39 7.23
C LYS A 888 -6.05 20.05 8.71
N ALA A 889 -4.82 19.76 9.11
CA ALA A 889 -4.52 19.37 10.50
C ALA A 889 -4.79 20.50 11.50
N LEU A 890 -4.51 21.74 11.09
CA LEU A 890 -4.65 22.91 11.98
C LEU A 890 -6.05 23.53 11.98
N ALA A 891 -6.92 23.07 11.08
CA ALA A 891 -8.27 23.60 10.94
C ALA A 891 -9.17 23.28 12.14
ZN ZN B . -0.89 0.55 -8.53
NA NA C . -4.27 -20.14 -1.91
NA NA D . -29.17 -10.77 22.11
N TRP E . 1.48 3.80 -9.97
CA TRP E . 2.30 3.12 -8.95
C TRP E . 1.46 1.91 -8.52
O TRP E . 0.46 2.00 -7.83
CB TRP E . 2.57 4.02 -7.74
CG TRP E . 3.69 5.05 -7.85
CD1 TRP E . 5.03 4.80 -8.02
CD2 TRP E . 3.57 6.49 -7.73
NE1 TRP E . 5.74 5.99 -8.04
CE2 TRP E . 4.86 7.03 -7.85
CE3 TRP E . 2.48 7.36 -7.53
CZ2 TRP E . 5.11 8.42 -7.77
CZ3 TRP E . 2.73 8.74 -7.46
CH2 TRP E . 4.02 9.25 -7.58
OXT TRP E . 1.72 0.80 -8.92
C1 MLI F . 5.43 2.60 -1.21
C2 MLI F . 4.28 2.93 -0.26
C3 MLI F . 6.09 1.31 -0.81
O6 MLI F . 3.49 3.83 -0.62
O7 MLI F . 4.16 2.33 0.82
O8 MLI F . 7.26 1.36 -0.42
O9 MLI F . 5.44 0.23 -0.90
C1 GOL G . -15.69 -13.29 13.54
O1 GOL G . -15.60 -12.53 12.33
C2 GOL G . -16.61 -12.60 14.53
O2 GOL G . -17.86 -12.42 13.90
C3 GOL G . -16.05 -11.22 14.90
O3 GOL G . -15.08 -11.34 15.91
C1 GOL H . 13.79 -22.74 -2.37
O1 GOL H . 12.53 -22.19 -2.03
C2 GOL H . 13.66 -24.25 -2.35
O2 GOL H . 12.60 -24.69 -3.19
C3 GOL H . 14.99 -24.95 -2.64
O3 GOL H . 14.99 -26.26 -2.08
C1 GOL I . 17.66 -22.23 11.26
O1 GOL I . 17.60 -21.25 10.25
C2 GOL I . 16.97 -21.60 12.47
O2 GOL I . 15.59 -21.85 12.34
C3 GOL I . 17.52 -22.20 13.76
O3 GOL I . 16.89 -21.58 14.86
#